data_7EAH
#
_entry.id   7EAH
#
loop_
_entity.id
_entity.type
_entity.pdbx_description
1 polymer 'Capsid protein VP1'
2 polymer 'Capsid protein VP0'
3 polymer 'Capsid protein VP3'
#
loop_
_entity_poly.entity_id
_entity_poly.type
_entity_poly.pdbx_seq_one_letter_code
_entity_poly.pdbx_strand_id
1 'polypeptide(L)'
;GDVEEAIDRAVARVADTMPTGPRNTESVPALTAVETGHTSQVVPGDTMQTRHVKNYHSRTESSIENFLCRAACVYIATYK
SAGGTPTERYASWRINTRQMVQLRRKFELFTYLRFDMEITFVITSTQDPGTQLAQDMPVLTHQIMYIPPGGPVPNSATDF
AWQSSTNPSIFWTEGCAPARMSVPFISIGNAYSNFYDGWSHFTQEGVYGFNSLNNMGHIYVRHVNEQSLGVSTSTLRVYF
KPKHVRAWVPRPPRLSPYVKSSNVNFKPTAVTTERKDINDVGTLRPVGYTNH
;
1
2 'polypeptide(L)'
;GAQVSTQKTGAHETSLTASGNSTIHYTNINYYKDAASNSANRQDFTQDPSKFTEPMKDVMIKSLPALNSPTVEECGFSDR
VRSITLGNSTITTQECANVVVGYGVWPSYLQDNEATAEDQPTQPDVATCRFYTLDSIQWQKESDGWWWKFPEALKNMGLF
GQNMEYHYLGRSGYTIHVQCNASKFHQGCLLVVCVPEAEMGCSDVEREVVAASLSSEDTAKSFSRTESNGQHTVQTVVYN
AGMGVGVGNLTIFPHQWINLRTNNSATIVMPYINSVPMDNMFRHYNFTLMIIPFAKLEYTEQASNYVPITVTVAPMCAEY
NGLRLASHQ
;
2
3 'polypeptide(L)'
;GLPTMLTPGSNQFLTSDDFQSPSAMPQFDVTPEMKIPGEVHNLMEIAEVDSVVPVNNTKENINSMEAYRIPVTGGDQLHT
QVFGFQMQPGLNSVFKRTLLGEILNYYAHWSGSVKLTFVFCGSAMATGKFLLAYSPPGASPPQNRKQAMLGTHVIWDVGL
QSSCVLCIPWISQTHYRLVQQDEYTSAGYVTCWYQTGLIVPPGAPPSCTILCFASACNDFSVRNLRDTPFIEQTQLLQ
;
3
#
# COMPACT_ATOMS: atom_id res chain seq x y z
N TYR A 56 8.35 17.67 23.59
CA TYR A 56 8.59 16.31 23.13
C TYR A 56 7.51 15.37 23.63
N HIS A 57 6.78 14.75 22.70
CA HIS A 57 5.68 13.87 23.03
C HIS A 57 6.11 12.41 22.90
N SER A 58 5.16 11.50 23.06
CA SER A 58 5.41 10.06 22.98
C SER A 58 4.76 9.49 21.74
N ARG A 59 5.41 8.49 21.15
CA ARG A 59 4.96 7.87 19.91
C ARG A 59 4.48 6.44 20.11
N THR A 60 4.15 6.05 21.34
CA THR A 60 3.72 4.69 21.59
C THR A 60 2.30 4.41 21.11
N GLU A 61 1.50 5.45 20.86
CA GLU A 61 0.14 5.26 20.41
C GLU A 61 0.08 4.79 18.96
N SER A 62 1.13 5.03 18.18
CA SER A 62 1.15 4.68 16.77
C SER A 62 2.22 3.64 16.46
N SER A 63 2.53 2.78 17.42
CA SER A 63 3.34 1.61 17.12
C SER A 63 2.47 0.58 16.44
N ILE A 64 3.12 -0.45 15.86
CA ILE A 64 2.39 -1.46 15.11
C ILE A 64 1.57 -2.34 16.03
N GLU A 65 2.05 -2.57 17.25
CA GLU A 65 1.27 -3.33 18.22
C GLU A 65 0.03 -2.56 18.67
N ASN A 66 0.17 -1.27 18.95
CA ASN A 66 -0.96 -0.46 19.40
C ASN A 66 -1.91 -0.09 18.28
N PHE A 67 -1.50 -0.23 17.02
CA PHE A 67 -2.38 0.10 15.87
C PHE A 67 -3.08 -1.15 15.37
N LEU A 68 -2.42 -2.31 15.38
CA LEU A 68 -3.11 -3.49 14.83
C LEU A 68 -3.61 -4.48 15.89
N CYS A 69 -3.58 -4.19 17.20
CA CYS A 69 -3.97 -5.21 18.21
C CYS A 69 -5.31 -4.98 18.92
N ARG A 70 -6.25 -4.24 18.34
CA ARG A 70 -7.52 -3.95 19.08
C ARG A 70 -8.55 -5.07 18.81
N ALA A 71 -9.34 -5.50 19.83
CA ALA A 71 -10.36 -6.53 19.50
C ALA A 71 -11.44 -5.92 18.62
N ALA A 72 -11.98 -6.70 17.69
CA ALA A 72 -12.97 -6.18 16.74
C ALA A 72 -14.04 -7.25 16.50
N CYS A 73 -15.30 -6.87 16.51
CA CYS A 73 -16.31 -7.88 16.18
C CYS A 73 -16.26 -8.14 14.68
N VAL A 74 -15.84 -9.33 14.29
CA VAL A 74 -15.67 -9.65 12.88
C VAL A 74 -16.75 -10.57 12.33
N TYR A 75 -17.54 -11.20 13.19
CA TYR A 75 -18.52 -12.17 12.72
C TYR A 75 -19.62 -12.31 13.74
N ILE A 76 -20.86 -12.07 13.32
CA ILE A 76 -22.05 -12.31 14.14
C ILE A 76 -22.91 -13.31 13.39
N ALA A 77 -23.12 -14.48 13.98
CA ALA A 77 -24.01 -15.48 13.43
C ALA A 77 -24.94 -15.98 14.52
N THR A 78 -25.95 -16.74 14.10
CA THR A 78 -26.89 -17.32 15.04
C THR A 78 -27.04 -18.81 14.72
N TYR A 79 -27.37 -19.59 15.76
CA TYR A 79 -27.53 -21.02 15.60
C TYR A 79 -28.57 -21.52 16.59
N LYS A 80 -29.48 -22.36 16.12
CA LYS A 80 -30.61 -22.84 16.91
C LYS A 80 -30.18 -24.06 17.72
N SER A 81 -31.15 -24.75 18.31
CA SER A 81 -30.84 -25.93 19.11
C SER A 81 -31.81 -27.09 18.89
N ALA A 82 -32.73 -26.98 17.95
CA ALA A 82 -33.64 -28.06 17.62
C ALA A 82 -33.65 -28.25 16.11
N GLY A 83 -34.32 -29.31 15.67
CA GLY A 83 -34.19 -29.82 14.33
C GLY A 83 -34.85 -28.95 13.27
N GLY A 84 -34.95 -29.55 12.08
CA GLY A 84 -35.35 -28.84 10.89
C GLY A 84 -34.33 -29.07 9.80
N THR A 85 -33.89 -28.00 9.13
CA THR A 85 -32.77 -28.13 8.22
C THR A 85 -31.48 -28.30 9.02
N PRO A 86 -30.54 -29.12 8.53
CA PRO A 86 -29.27 -29.32 9.24
C PRO A 86 -28.20 -28.29 8.91
N THR A 87 -28.59 -27.02 8.93
CA THR A 87 -27.65 -25.95 8.66
C THR A 87 -27.66 -24.88 9.74
N GLU A 88 -28.83 -24.54 10.27
CA GLU A 88 -28.94 -23.49 11.28
C GLU A 88 -28.74 -24.02 12.69
N ARG A 89 -28.33 -25.28 12.85
CA ARG A 89 -28.05 -25.84 14.15
C ARG A 89 -26.63 -25.59 14.62
N TYR A 90 -25.80 -24.97 13.80
CA TYR A 90 -24.42 -24.68 14.15
C TYR A 90 -23.98 -23.43 13.39
N ALA A 91 -22.81 -22.91 13.77
CA ALA A 91 -22.24 -21.72 13.15
C ALA A 91 -20.86 -22.07 12.62
N SER A 92 -20.36 -21.24 11.70
CA SER A 92 -19.10 -21.55 11.03
C SER A 92 -18.47 -20.26 10.52
N TRP A 93 -17.15 -20.15 10.71
CA TRP A 93 -16.42 -18.95 10.29
C TRP A 93 -15.02 -19.36 9.87
N ARG A 94 -14.74 -19.26 8.57
CA ARG A 94 -13.37 -19.38 8.11
C ARG A 94 -12.60 -18.13 8.46
N ILE A 95 -11.48 -18.29 9.17
CA ILE A 95 -10.76 -17.16 9.74
C ILE A 95 -10.02 -16.41 8.64
N ASN A 96 -10.60 -15.31 8.17
CA ASN A 96 -9.96 -14.48 7.18
C ASN A 96 -10.17 -13.02 7.53
N THR A 97 -9.14 -12.21 7.33
CA THR A 97 -9.21 -10.78 7.58
C THR A 97 -9.50 -10.00 6.31
N ARG A 98 -10.55 -10.38 5.59
CA ARG A 98 -10.93 -9.70 4.37
C ARG A 98 -12.41 -9.41 4.27
N GLN A 99 -13.26 -10.07 5.07
CA GLN A 99 -14.69 -9.83 5.01
C GLN A 99 -15.07 -8.52 5.67
N MET A 100 -14.30 -8.10 6.67
CA MET A 100 -14.57 -6.83 7.39
C MET A 100 -13.67 -5.74 6.79
N VAL A 101 -14.26 -4.76 6.12
CA VAL A 101 -13.49 -3.69 5.44
C VAL A 101 -12.69 -2.84 6.43
N GLN A 102 -13.25 -2.53 7.59
CA GLN A 102 -12.54 -1.60 8.52
C GLN A 102 -11.19 -2.19 8.92
N LEU A 103 -11.13 -3.49 9.19
CA LEU A 103 -9.88 -4.14 9.65
C LEU A 103 -9.06 -4.51 8.42
N ARG A 104 -9.72 -4.73 7.30
CA ARG A 104 -8.97 -5.06 6.08
C ARG A 104 -8.07 -3.92 5.65
N ARG A 105 -8.55 -2.68 5.78
CA ARG A 105 -7.76 -1.53 5.36
C ARG A 105 -6.56 -1.30 6.27
N LYS A 106 -6.69 -1.62 7.56
CA LYS A 106 -5.54 -1.47 8.46
C LYS A 106 -4.50 -2.54 8.19
N PHE A 107 -4.93 -3.77 7.90
CA PHE A 107 -3.98 -4.83 7.56
C PHE A 107 -3.35 -4.62 6.20
N GLU A 108 -4.05 -3.95 5.29
CA GLU A 108 -3.53 -3.73 3.95
C GLU A 108 -2.72 -2.44 3.84
N LEU A 109 -2.24 -1.92 4.97
CA LEU A 109 -1.14 -0.97 4.94
C LEU A 109 0.20 -1.67 4.95
N PHE A 110 0.23 -2.99 4.93
CA PHE A 110 1.45 -3.78 5.01
C PHE A 110 1.35 -4.96 4.06
N THR A 111 2.50 -5.40 3.56
CA THR A 111 2.50 -6.54 2.64
C THR A 111 2.57 -7.85 3.39
N TYR A 112 3.46 -7.94 4.38
CA TYR A 112 3.73 -9.17 5.10
C TYR A 112 3.48 -8.96 6.57
N LEU A 113 2.67 -9.83 7.17
CA LEU A 113 2.30 -9.76 8.57
C LEU A 113 2.63 -11.08 9.25
N ARG A 114 2.81 -11.00 10.57
CA ARG A 114 3.07 -12.19 11.38
C ARG A 114 2.53 -11.94 12.78
N PHE A 115 1.58 -12.76 13.21
CA PHE A 115 0.92 -12.52 14.48
C PHE A 115 0.31 -13.82 15.02
N ASP A 116 0.09 -13.84 16.32
CA ASP A 116 -0.79 -14.82 16.94
C ASP A 116 -2.22 -14.28 16.95
N MET A 117 -3.17 -15.17 17.20
CA MET A 117 -4.57 -14.77 17.27
C MET A 117 -5.06 -14.84 18.70
N GLU A 118 -6.04 -14.00 19.03
CA GLU A 118 -6.66 -13.99 20.35
C GLU A 118 -8.15 -13.83 20.12
N ILE A 119 -8.84 -14.94 20.00
CA ILE A 119 -10.25 -14.95 19.64
C ILE A 119 -11.08 -15.10 20.90
N THR A 120 -12.17 -14.34 20.99
CA THR A 120 -13.05 -14.32 22.14
C THR A 120 -14.49 -14.41 21.65
N PHE A 121 -15.30 -15.22 22.32
CA PHE A 121 -16.63 -15.57 21.87
C PHE A 121 -17.66 -15.08 22.88
N VAL A 122 -18.58 -14.25 22.43
CA VAL A 122 -19.63 -13.70 23.28
C VAL A 122 -20.94 -14.36 22.86
N ILE A 123 -21.38 -15.35 23.63
CA ILE A 123 -22.54 -16.16 23.28
C ILE A 123 -23.67 -15.80 24.22
N THR A 124 -24.75 -15.23 23.67
CA THR A 124 -25.98 -14.94 24.40
C THR A 124 -27.10 -15.73 23.74
N SER A 125 -27.82 -16.50 24.54
CA SER A 125 -28.94 -17.30 24.04
C SER A 125 -30.27 -16.68 24.44
N THR A 126 -31.33 -17.22 23.85
CA THR A 126 -32.68 -16.78 24.17
C THR A 126 -33.63 -17.96 23.98
N GLN A 127 -34.85 -17.80 24.47
CA GLN A 127 -35.89 -18.82 24.36
C GLN A 127 -36.78 -18.48 23.17
N ASP A 128 -36.97 -19.43 22.28
CA ASP A 128 -37.81 -19.18 21.12
C ASP A 128 -39.29 -19.18 21.49
N PRO A 129 -40.10 -18.39 20.80
CA PRO A 129 -41.55 -18.41 21.08
C PRO A 129 -42.23 -19.62 20.45
N GLY A 130 -43.55 -19.65 20.55
CA GLY A 130 -44.33 -20.76 20.05
C GLY A 130 -44.75 -21.69 21.17
N THR A 131 -45.37 -22.79 20.77
CA THR A 131 -45.81 -23.79 21.72
C THR A 131 -44.66 -24.75 22.03
N GLN A 132 -44.91 -25.62 23.02
CA GLN A 132 -43.95 -26.56 23.60
C GLN A 132 -42.70 -25.82 24.10
N LEU A 133 -42.89 -25.05 25.19
CA LEU A 133 -41.76 -24.29 25.79
C LEU A 133 -41.15 -25.12 26.93
N ALA A 134 -39.88 -24.92 27.24
CA ALA A 134 -39.18 -25.80 28.21
C ALA A 134 -39.50 -25.54 29.67
N GLN A 135 -40.12 -24.41 30.01
CA GLN A 135 -40.31 -24.09 31.45
C GLN A 135 -38.91 -24.10 32.08
N ASP A 136 -38.68 -24.92 33.09
CA ASP A 136 -37.30 -25.03 33.66
C ASP A 136 -36.40 -25.79 32.68
N MET A 137 -35.34 -25.16 32.20
CA MET A 137 -34.33 -25.83 31.33
C MET A 137 -33.03 -25.79 32.13
N PRO A 138 -32.23 -26.87 32.29
CA PRO A 138 -31.02 -26.79 33.10
C PRO A 138 -30.08 -25.61 32.77
N VAL A 139 -29.09 -25.84 31.92
CA VAL A 139 -28.11 -24.78 31.54
C VAL A 139 -27.62 -25.14 30.14
N LEU A 140 -27.14 -24.17 29.38
CA LEU A 140 -26.73 -24.46 27.99
C LEU A 140 -25.20 -24.55 27.95
N THR A 141 -24.68 -25.65 27.42
CA THR A 141 -23.22 -25.81 27.26
C THR A 141 -22.95 -25.74 25.76
N HIS A 142 -21.85 -25.10 25.34
CA HIS A 142 -21.58 -24.90 23.90
C HIS A 142 -20.20 -25.43 23.58
N GLN A 143 -20.03 -26.06 22.42
CA GLN A 143 -18.69 -26.52 22.01
C GLN A 143 -18.21 -25.60 20.91
N ILE A 144 -17.03 -25.03 21.07
CA ILE A 144 -16.44 -24.17 20.01
C ILE A 144 -15.24 -24.96 19.52
N MET A 145 -15.19 -25.31 18.24
CA MET A 145 -14.09 -26.17 17.77
C MET A 145 -13.22 -25.39 16.82
N TYR A 146 -11.91 -25.41 17.02
CA TYR A 146 -11.00 -24.77 16.06
C TYR A 146 -10.45 -25.88 15.16
N ILE A 147 -10.86 -25.90 13.91
CA ILE A 147 -10.31 -26.91 12.97
C ILE A 147 -8.98 -26.37 12.48
N PRO A 148 -7.84 -27.01 12.78
CA PRO A 148 -6.54 -26.49 12.42
C PRO A 148 -6.53 -26.59 10.90
N PRO A 149 -5.72 -25.79 10.16
CA PRO A 149 -5.79 -25.82 8.70
C PRO A 149 -5.59 -27.26 8.22
N GLY A 150 -6.35 -27.70 7.22
CA GLY A 150 -6.29 -29.12 6.82
C GLY A 150 -6.70 -30.05 7.96
N GLY A 151 -7.88 -29.83 8.54
CA GLY A 151 -8.40 -30.69 9.63
C GLY A 151 -9.83 -31.09 9.36
N PRO A 152 -10.38 -32.14 10.00
CA PRO A 152 -11.73 -32.60 9.69
C PRO A 152 -12.77 -31.51 9.93
N VAL A 153 -13.63 -31.24 8.95
CA VAL A 153 -14.60 -30.10 9.09
C VAL A 153 -16.02 -30.65 9.12
N PRO A 154 -16.84 -30.27 10.13
CA PRO A 154 -18.19 -30.82 10.27
C PRO A 154 -19.14 -30.51 9.11
N ASN A 155 -19.76 -31.54 8.54
CA ASN A 155 -20.77 -31.32 7.47
C ASN A 155 -22.02 -30.75 8.13
N SER A 156 -22.32 -31.24 9.32
CA SER A 156 -23.54 -30.81 10.04
C SER A 156 -23.30 -31.07 11.53
N ALA A 157 -24.30 -30.81 12.38
CA ALA A 157 -24.16 -31.07 13.83
C ALA A 157 -24.14 -32.58 14.07
N THR A 158 -23.71 -33.01 15.27
CA THR A 158 -23.64 -34.46 15.63
C THR A 158 -22.83 -35.24 14.58
N ASP A 159 -21.73 -34.65 14.09
CA ASP A 159 -20.85 -35.34 13.11
C ASP A 159 -19.58 -35.77 13.85
N PHE A 160 -18.92 -36.84 13.42
CA PHE A 160 -17.73 -37.33 14.16
C PHE A 160 -16.67 -36.22 14.24
N ALA A 161 -16.70 -35.27 13.29
CA ALA A 161 -15.69 -34.19 13.28
C ALA A 161 -15.69 -33.50 14.64
N TRP A 162 -16.86 -33.36 15.25
CA TRP A 162 -16.99 -32.69 16.57
C TRP A 162 -16.20 -33.47 17.63
N GLN A 163 -16.22 -34.80 17.56
CA GLN A 163 -15.55 -35.67 18.57
C GLN A 163 -14.12 -36.00 18.14
N SER A 164 -13.62 -35.41 17.06
CA SER A 164 -12.21 -35.61 16.64
C SER A 164 -11.26 -35.02 17.68
N SER A 165 -10.27 -35.79 18.11
CA SER A 165 -9.25 -35.31 19.09
C SER A 165 -8.37 -34.25 18.46
N THR A 166 -8.16 -34.32 17.15
CA THR A 166 -7.22 -33.40 16.48
C THR A 166 -7.67 -31.95 16.57
N ASN A 167 -8.98 -31.68 16.43
CA ASN A 167 -9.47 -30.29 16.39
C ASN A 167 -9.65 -29.78 17.81
N PRO A 168 -8.87 -28.78 18.27
CA PRO A 168 -8.97 -28.31 19.64
C PRO A 168 -10.38 -27.74 19.89
N SER A 169 -10.96 -27.99 21.07
CA SER A 169 -12.35 -27.55 21.35
C SER A 169 -12.48 -26.91 22.73
N ILE A 170 -13.46 -26.05 22.94
CA ILE A 170 -13.72 -25.46 24.29
C ILE A 170 -15.15 -25.81 24.69
N PHE A 171 -15.35 -26.36 25.89
CA PHE A 171 -16.72 -26.61 26.40
C PHE A 171 -17.03 -25.50 27.40
N TRP A 172 -18.03 -24.67 27.13
CA TRP A 172 -18.29 -23.48 27.93
C TRP A 172 -19.73 -23.48 28.40
N THR A 173 -19.93 -23.18 29.68
CA THR A 173 -21.25 -23.16 30.30
C THR A 173 -21.72 -21.72 30.45
N GLU A 174 -22.99 -21.48 30.20
CA GLU A 174 -23.51 -20.12 30.20
C GLU A 174 -23.61 -19.56 31.60
N GLY A 175 -23.38 -18.25 31.72
CA GLY A 175 -23.48 -17.56 32.99
C GLY A 175 -22.17 -17.06 33.55
N CYS A 176 -21.04 -17.36 32.90
CA CYS A 176 -19.76 -16.91 33.41
C CYS A 176 -18.99 -16.15 32.34
N ALA A 177 -17.69 -15.94 32.58
CA ALA A 177 -16.84 -15.19 31.68
C ALA A 177 -16.77 -15.86 30.30
N PRO A 178 -16.60 -15.09 29.23
CA PRO A 178 -16.63 -15.66 27.88
C PRO A 178 -15.45 -16.57 27.61
N ALA A 179 -15.58 -17.35 26.53
CA ALA A 179 -14.56 -18.31 26.17
C ALA A 179 -13.47 -17.65 25.35
N ARG A 180 -12.22 -18.02 25.63
CA ARG A 180 -11.06 -17.43 24.99
C ARG A 180 -10.11 -18.52 24.53
N MET A 181 -9.49 -18.31 23.38
CA MET A 181 -8.43 -19.21 22.91
C MET A 181 -7.39 -18.40 22.18
N SER A 182 -6.17 -18.92 22.15
CA SER A 182 -5.06 -18.28 21.46
C SER A 182 -4.47 -19.27 20.46
N VAL A 183 -4.24 -18.81 19.24
CA VAL A 183 -3.71 -19.64 18.17
C VAL A 183 -2.38 -19.03 17.74
N PRO A 184 -1.31 -19.81 17.63
CA PRO A 184 -0.02 -19.26 17.23
C PRO A 184 0.03 -19.00 15.72
N PHE A 185 1.20 -18.57 15.26
CA PHE A 185 1.43 -18.35 13.84
C PHE A 185 1.50 -19.70 13.15
N ILE A 186 0.44 -20.04 12.42
CA ILE A 186 0.33 -21.34 11.76
C ILE A 186 0.50 -21.24 10.25
N SER A 187 1.72 -21.36 9.78
CA SER A 187 1.95 -21.28 8.35
C SER A 187 3.23 -22.03 8.01
N ILE A 188 3.24 -22.65 6.83
CA ILE A 188 4.48 -23.20 6.30
C ILE A 188 5.45 -22.07 5.99
N GLY A 189 4.95 -20.95 5.48
CA GLY A 189 5.77 -19.80 5.19
C GLY A 189 6.22 -19.10 6.46
N ASN A 190 6.96 -18.01 6.27
CA ASN A 190 7.52 -17.27 7.39
C ASN A 190 6.72 -16.01 7.73
N ALA A 191 5.64 -15.75 7.00
CA ALA A 191 4.72 -14.65 7.28
C ALA A 191 3.43 -14.90 6.52
N TYR A 192 2.36 -14.23 6.94
CA TYR A 192 1.20 -14.13 6.08
C TYR A 192 1.41 -13.00 5.07
N SER A 193 0.72 -13.08 3.96
CA SER A 193 0.84 -12.08 2.91
C SER A 193 -0.54 -11.50 2.61
N ASN A 194 -0.66 -10.18 2.75
CA ASN A 194 -1.92 -9.54 2.39
C ASN A 194 -2.12 -9.50 0.89
N PHE A 195 -1.03 -9.48 0.14
CA PHE A 195 -1.05 -9.43 -1.31
C PHE A 195 -0.24 -10.59 -1.85
N TYR A 196 -0.62 -11.05 -3.04
CA TYR A 196 0.11 -12.12 -3.70
C TYR A 196 0.02 -11.89 -5.21
N ASP A 197 1.07 -11.30 -5.77
CA ASP A 197 1.14 -11.11 -7.21
C ASP A 197 1.63 -12.41 -7.84
N GLY A 198 0.70 -13.33 -8.02
CA GLY A 198 1.06 -14.64 -8.53
C GLY A 198 -0.14 -15.55 -8.55
N TRP A 199 0.15 -16.83 -8.78
CA TRP A 199 -0.86 -17.85 -9.02
C TRP A 199 -0.65 -19.00 -8.06
N SER A 200 -1.65 -19.87 -7.99
CA SER A 200 -1.68 -20.95 -7.02
C SER A 200 -0.98 -22.21 -7.52
N HIS A 201 -1.26 -22.61 -8.76
CA HIS A 201 -0.65 -23.79 -9.34
C HIS A 201 0.61 -23.41 -10.11
N PHE A 202 1.08 -24.32 -10.97
CA PHE A 202 2.41 -24.20 -11.55
C PHE A 202 2.43 -23.30 -12.77
N THR A 203 1.73 -23.70 -13.84
CA THR A 203 1.91 -23.09 -15.16
C THR A 203 0.97 -21.90 -15.38
N GLN A 204 0.98 -20.96 -14.43
CA GLN A 204 0.16 -19.73 -14.43
C GLN A 204 -1.33 -20.02 -14.60
N GLU A 205 -1.79 -21.13 -14.02
CA GLU A 205 -3.19 -21.53 -14.08
C GLU A 205 -3.72 -21.57 -12.65
N GLY A 206 -4.96 -21.17 -12.48
CA GLY A 206 -5.55 -21.12 -11.16
C GLY A 206 -6.06 -19.73 -10.87
N VAL A 207 -6.51 -19.56 -9.62
CA VAL A 207 -7.05 -18.29 -9.19
C VAL A 207 -5.91 -17.35 -8.78
N TYR A 208 -6.06 -16.05 -9.08
CA TYR A 208 -5.01 -15.06 -8.90
C TYR A 208 -4.78 -14.70 -7.44
N GLY A 209 -4.29 -15.65 -6.65
CA GLY A 209 -3.89 -15.40 -5.27
C GLY A 209 -4.89 -15.74 -4.19
N PHE A 210 -5.49 -16.94 -4.23
CA PHE A 210 -6.52 -17.33 -3.27
C PHE A 210 -6.22 -18.65 -2.58
N ASN A 211 -5.50 -19.54 -3.26
CA ASN A 211 -5.11 -20.82 -2.60
C ASN A 211 -3.72 -20.67 -1.94
N SER A 212 -3.34 -19.46 -1.50
CA SER A 212 -2.00 -19.24 -0.90
C SER A 212 -1.95 -19.86 0.50
N LEU A 213 -0.76 -19.99 1.09
CA LEU A 213 -0.59 -20.56 2.45
C LEU A 213 -0.91 -19.48 3.47
N ASN A 214 -2.08 -18.86 3.36
CA ASN A 214 -2.50 -17.81 4.31
C ASN A 214 -3.74 -18.36 5.03
N ASN A 215 -3.83 -19.67 5.18
CA ASN A 215 -4.98 -20.34 5.83
C ASN A 215 -4.82 -20.35 7.35
N MET A 216 -5.80 -19.82 8.10
CA MET A 216 -5.78 -19.82 9.55
C MET A 216 -6.72 -20.86 10.15
N GLY A 217 -7.63 -21.42 9.37
CA GLY A 217 -8.51 -22.46 9.86
C GLY A 217 -9.94 -21.99 9.91
N HIS A 218 -10.77 -22.78 10.60
CA HIS A 218 -12.17 -22.48 10.78
C HIS A 218 -12.52 -22.50 12.25
N ILE A 219 -13.70 -21.98 12.58
CA ILE A 219 -14.26 -22.05 13.92
C ILE A 219 -15.71 -22.48 13.79
N TYR A 220 -16.08 -23.55 14.50
CA TYR A 220 -17.42 -24.12 14.45
C TYR A 220 -17.98 -24.19 15.85
N VAL A 221 -19.22 -23.74 16.03
CA VAL A 221 -19.87 -23.66 17.34
C VAL A 221 -21.21 -24.37 17.28
N ARG A 222 -21.51 -25.18 18.30
CA ARG A 222 -22.81 -25.84 18.41
C ARG A 222 -23.19 -26.00 19.87
N HIS A 223 -24.47 -26.30 20.10
CA HIS A 223 -24.95 -26.67 21.43
C HIS A 223 -24.57 -28.12 21.75
N VAL A 224 -24.12 -28.35 22.98
CA VAL A 224 -23.81 -29.70 23.40
C VAL A 224 -25.06 -30.42 23.88
N ASN A 225 -26.07 -29.68 24.34
CA ASN A 225 -27.25 -30.26 24.94
C ASN A 225 -28.10 -31.01 23.91
N GLU A 226 -28.98 -31.87 24.43
CA GLU A 226 -29.81 -32.75 23.62
C GLU A 226 -31.27 -32.33 23.66
N GLN A 227 -31.50 -31.01 23.73
CA GLN A 227 -32.77 -30.42 24.15
C GLN A 227 -33.91 -30.80 23.21
N SER A 228 -34.90 -31.48 23.77
CA SER A 228 -36.04 -32.00 23.01
C SER A 228 -37.19 -31.00 22.96
N LEU A 229 -37.74 -30.64 24.11
CA LEU A 229 -38.81 -29.65 24.16
C LEU A 229 -38.20 -28.26 24.20
N GLY A 230 -38.78 -27.36 23.42
CA GLY A 230 -38.29 -26.00 23.32
C GLY A 230 -37.05 -25.85 22.46
N VAL A 231 -36.90 -24.68 21.86
CA VAL A 231 -35.73 -24.36 21.06
C VAL A 231 -35.02 -23.19 21.72
N SER A 232 -33.69 -23.19 21.69
CA SER A 232 -32.88 -22.12 22.26
C SER A 232 -31.98 -21.57 21.17
N THR A 233 -32.19 -20.32 20.80
CA THR A 233 -31.42 -19.69 19.73
C THR A 233 -30.31 -18.85 20.33
N SER A 234 -29.08 -19.21 20.03
CA SER A 234 -27.91 -18.50 20.53
C SER A 234 -27.30 -17.64 19.44
N THR A 235 -26.63 -16.57 19.84
CA THR A 235 -25.99 -15.64 18.92
C THR A 235 -24.54 -15.49 19.31
N LEU A 236 -23.64 -15.80 18.39
CA LEU A 236 -22.20 -15.76 18.63
C LEU A 236 -21.62 -14.45 18.12
N ARG A 237 -20.71 -13.88 18.91
CA ARG A 237 -19.95 -12.71 18.51
C ARG A 237 -18.48 -13.03 18.65
N VAL A 238 -17.74 -12.88 17.56
CA VAL A 238 -16.33 -13.23 17.52
C VAL A 238 -15.52 -11.94 17.59
N TYR A 239 -14.68 -11.81 18.61
CA TYR A 239 -13.85 -10.63 18.80
C TYR A 239 -12.41 -11.03 18.54
N PHE A 240 -11.99 -10.89 17.29
CA PHE A 240 -10.65 -11.29 16.87
C PHE A 240 -9.64 -10.22 17.22
N LYS A 241 -8.44 -10.64 17.61
CA LYS A 241 -7.39 -9.71 17.99
C LYS A 241 -6.01 -10.28 17.72
N PRO A 242 -5.14 -9.58 16.98
CA PRO A 242 -3.78 -10.06 16.77
C PRO A 242 -2.81 -9.64 17.87
N LYS A 243 -1.89 -10.54 18.18
CA LYS A 243 -0.93 -10.33 19.25
C LYS A 243 0.48 -10.53 18.73
N HIS A 244 1.41 -9.70 19.19
CA HIS A 244 2.83 -9.79 18.75
C HIS A 244 2.93 -9.56 17.24
N VAL A 245 2.25 -8.52 16.73
CA VAL A 245 2.23 -8.28 15.26
C VAL A 245 3.59 -7.79 14.79
N ARG A 246 4.09 -8.31 13.67
CA ARG A 246 5.34 -7.84 13.05
C ARG A 246 4.98 -7.60 11.60
N ALA A 247 5.22 -6.41 11.06
CA ALA A 247 4.72 -6.04 9.74
C ALA A 247 5.83 -5.46 8.90
N TRP A 248 5.81 -5.78 7.61
CA TRP A 248 6.91 -5.38 6.69
C TRP A 248 6.36 -4.74 5.42
N VAL A 249 7.19 -4.00 4.69
CA VAL A 249 6.82 -3.40 3.36
C VAL A 249 5.54 -2.56 3.41
N PRO A 250 5.56 -1.35 3.99
CA PRO A 250 4.37 -0.53 4.08
C PRO A 250 3.78 -0.20 2.71
N ARG A 251 2.45 -0.29 2.57
CA ARG A 251 1.79 -0.06 1.26
C ARG A 251 0.91 1.18 1.37
N PRO A 252 0.45 1.84 0.27
CA PRO A 252 -0.36 3.04 0.40
C PRO A 252 -1.76 2.67 0.86
N PRO A 253 -2.45 3.56 1.57
CA PRO A 253 -3.82 3.26 1.97
C PRO A 253 -4.74 3.31 0.78
N ARG A 254 -5.74 2.46 0.80
CA ARG A 254 -6.58 2.28 -0.38
C ARG A 254 -7.53 3.46 -0.58
N LEU A 255 -7.71 3.83 -1.84
CA LEU A 255 -8.61 4.89 -2.25
C LEU A 255 -9.98 4.35 -2.66
N SER A 256 -10.00 3.39 -3.57
CA SER A 256 -11.25 2.87 -4.09
C SER A 256 -11.92 1.98 -3.04
N PRO A 257 -13.25 1.90 -3.05
CA PRO A 257 -13.93 0.96 -2.15
C PRO A 257 -13.79 -0.47 -2.64
N TYR A 258 -13.95 -1.40 -1.70
CA TYR A 258 -13.83 -2.83 -1.99
C TYR A 258 -15.09 -3.34 -2.67
N VAL A 259 -14.93 -4.44 -3.42
CA VAL A 259 -16.05 -5.10 -4.07
C VAL A 259 -16.27 -6.51 -3.54
N LYS A 260 -15.20 -7.25 -3.26
CA LYS A 260 -15.33 -8.62 -2.77
C LYS A 260 -14.07 -9.02 -2.02
N SER A 261 -14.22 -9.98 -1.12
CA SER A 261 -13.12 -10.44 -0.26
C SER A 261 -12.38 -11.62 -0.85
N SER A 262 -12.03 -11.53 -2.12
CA SER A 262 -11.14 -12.49 -2.74
C SER A 262 -10.20 -11.82 -3.73
N ASN A 263 -10.29 -10.51 -3.90
CA ASN A 263 -9.68 -9.80 -5.01
C ASN A 263 -9.03 -8.52 -4.49
N VAL A 264 -8.50 -7.75 -5.43
CA VAL A 264 -8.18 -6.35 -5.24
C VAL A 264 -8.91 -5.49 -6.26
N ASN A 265 -10.00 -6.04 -6.79
CA ASN A 265 -10.76 -5.38 -7.88
C ASN A 265 -11.32 -4.05 -7.40
N PHE A 266 -11.48 -3.07 -8.30
CA PHE A 266 -11.91 -1.72 -7.87
C PHE A 266 -12.54 -0.95 -9.01
N LYS A 267 -13.21 0.15 -8.69
CA LYS A 267 -13.76 1.05 -9.73
C LYS A 267 -12.93 2.34 -9.71
N PRO A 268 -12.65 3.06 -10.82
CA PRO A 268 -11.75 4.23 -10.81
C PRO A 268 -12.34 5.42 -10.08
N THR A 269 -11.75 5.79 -8.96
CA THR A 269 -12.24 6.90 -8.14
C THR A 269 -11.25 8.05 -8.15
N ALA A 270 -11.77 9.23 -7.81
CA ALA A 270 -10.96 10.44 -7.78
C ALA A 270 -9.94 10.38 -6.66
N VAL A 271 -8.83 11.11 -6.86
CA VAL A 271 -7.73 11.05 -5.91
C VAL A 271 -8.02 11.80 -4.61
N THR A 272 -8.90 12.80 -4.66
CA THR A 272 -9.25 13.61 -3.50
C THR A 272 -10.59 14.29 -3.79
N THR A 273 -10.98 15.21 -2.91
CA THR A 273 -12.26 15.92 -3.00
C THR A 273 -12.02 17.28 -3.65
N GLU A 274 -12.98 17.72 -4.46
CA GLU A 274 -12.83 18.89 -5.31
C GLU A 274 -12.79 20.19 -4.49
N ARG A 275 -12.43 21.27 -5.18
CA ARG A 275 -12.31 22.60 -4.61
C ARG A 275 -12.74 23.59 -5.69
N LYS A 276 -12.94 24.85 -5.30
CA LYS A 276 -13.39 25.86 -6.26
C LYS A 276 -12.29 26.24 -7.23
N ASP A 277 -11.15 26.69 -6.71
CA ASP A 277 -10.05 27.16 -7.54
C ASP A 277 -8.74 26.63 -6.96
N ILE A 278 -7.64 26.90 -7.66
CA ILE A 278 -6.33 26.51 -7.14
C ILE A 278 -5.87 27.45 -6.03
N ASN A 279 -6.43 28.65 -6.04
CA ASN A 279 -6.06 29.70 -5.05
C ASN A 279 -7.24 29.89 -4.11
N ASP A 280 -8.04 28.84 -3.90
CA ASP A 280 -9.27 28.97 -3.08
C ASP A 280 -9.10 28.49 -1.64
N VAL A 281 -8.64 29.38 -0.75
CA VAL A 281 -8.62 29.02 0.68
C VAL A 281 -10.09 29.07 1.07
N GLY A 282 -10.49 28.51 2.21
CA GLY A 282 -11.93 28.40 2.47
C GLY A 282 -12.50 29.30 3.54
N THR A 283 -13.69 29.87 3.30
CA THR A 283 -14.44 30.66 4.33
C THR A 283 -13.82 32.03 4.62
N LEU A 284 -12.58 32.09 5.11
CA LEU A 284 -12.02 33.40 5.52
C LEU A 284 -13.04 34.05 6.46
N ARG A 285 -13.28 33.44 7.62
CA ARG A 285 -14.28 33.98 8.60
C ARG A 285 -14.10 35.50 8.75
N PRO A 286 -12.92 36.06 9.14
CA PRO A 286 -12.79 37.50 9.36
C PRO A 286 -13.05 38.31 8.07
N ARG B 80 34.52 10.95 -14.03
CA ARG B 80 33.16 11.47 -13.89
C ARG B 80 32.25 10.89 -14.97
N VAL B 81 32.83 10.13 -15.90
CA VAL B 81 32.09 9.47 -16.97
C VAL B 81 32.42 7.98 -16.83
N ARG B 82 32.50 7.51 -15.59
CA ARG B 82 33.07 6.19 -15.28
C ARG B 82 32.29 5.04 -15.91
N SER B 83 33.02 4.10 -16.49
CA SER B 83 32.42 2.95 -17.17
C SER B 83 32.24 1.80 -16.22
N ILE B 84 31.19 1.02 -16.44
CA ILE B 84 30.86 -0.13 -15.62
C ILE B 84 30.87 -1.37 -16.51
N THR B 85 31.73 -2.33 -16.19
CA THR B 85 31.81 -3.58 -16.94
C THR B 85 31.43 -4.71 -16.00
N LEU B 86 30.40 -5.48 -16.36
CA LEU B 86 29.86 -6.55 -15.53
C LEU B 86 29.78 -7.80 -16.38
N GLY B 87 30.73 -8.72 -16.18
CA GLY B 87 30.88 -9.86 -17.06
C GLY B 87 31.64 -9.48 -18.31
N ASN B 88 32.07 -10.50 -19.05
CA ASN B 88 32.86 -10.25 -20.26
C ASN B 88 31.94 -10.12 -21.47
N SER B 89 30.88 -9.33 -21.32
CA SER B 89 30.07 -8.94 -22.46
C SER B 89 29.57 -7.51 -22.40
N THR B 90 29.47 -6.88 -21.23
CA THR B 90 28.66 -5.68 -21.06
C THR B 90 29.49 -4.46 -20.73
N ILE B 91 29.12 -3.34 -21.36
CA ILE B 91 29.68 -2.03 -21.05
C ILE B 91 28.54 -1.03 -21.01
N THR B 92 28.42 -0.30 -19.90
CA THR B 92 27.47 0.80 -19.78
C THR B 92 28.22 2.02 -19.28
N THR B 93 28.00 3.16 -19.91
CA THR B 93 28.65 4.41 -19.55
C THR B 93 27.69 5.27 -18.75
N GLN B 94 28.17 5.85 -17.66
CA GLN B 94 27.29 6.56 -16.73
C GLN B 94 28.13 7.53 -15.91
N GLU B 95 27.55 8.68 -15.58
CA GLU B 95 28.20 9.63 -14.69
C GLU B 95 27.96 9.24 -13.24
N CYS B 96 28.41 10.10 -12.33
CA CYS B 96 28.35 9.82 -10.89
C CYS B 96 27.11 10.50 -10.30
N ALA B 97 26.14 9.71 -9.88
CA ALA B 97 24.84 10.21 -9.45
C ALA B 97 24.39 9.43 -8.21
N ASN B 98 23.10 9.55 -7.88
CA ASN B 98 22.57 8.98 -6.65
C ASN B 98 21.90 7.64 -6.91
N VAL B 99 22.00 6.74 -5.94
CA VAL B 99 21.38 5.42 -6.01
C VAL B 99 20.37 5.30 -4.87
N VAL B 100 19.42 4.40 -5.02
CA VAL B 100 18.49 4.03 -3.96
C VAL B 100 18.71 2.56 -3.65
N VAL B 101 19.05 2.26 -2.40
CA VAL B 101 19.33 0.89 -2.01
C VAL B 101 18.13 0.34 -1.26
N GLY B 102 17.19 -0.26 -2.02
CA GLY B 102 16.16 -1.13 -1.50
C GLY B 102 15.29 -0.56 -0.41
N TYR B 103 15.04 -1.38 0.60
CA TYR B 103 14.50 -0.94 1.87
C TYR B 103 15.60 -0.69 2.88
N GLY B 104 16.82 -0.45 2.41
CA GLY B 104 17.96 -0.24 3.28
C GLY B 104 18.97 -1.36 3.33
N VAL B 105 18.75 -2.45 2.60
CA VAL B 105 19.64 -3.59 2.60
C VAL B 105 20.20 -3.78 1.20
N TRP B 106 21.43 -4.28 1.13
CA TRP B 106 21.99 -4.72 -0.13
C TRP B 106 21.60 -6.18 -0.38
N PRO B 107 21.45 -6.59 -1.64
CA PRO B 107 21.27 -8.02 -1.93
C PRO B 107 22.47 -8.83 -1.48
N SER B 108 22.19 -10.05 -1.00
CA SER B 108 23.21 -10.89 -0.43
C SER B 108 22.87 -12.35 -0.70
N TYR B 109 23.79 -13.24 -0.33
CA TYR B 109 23.56 -14.66 -0.48
C TYR B 109 22.92 -15.23 0.79
N LEU B 110 22.21 -16.34 0.60
CA LEU B 110 21.48 -16.96 1.70
C LEU B 110 22.46 -17.61 2.68
N GLN B 111 22.24 -17.36 3.97
CA GLN B 111 23.08 -17.93 5.00
C GLN B 111 22.48 -19.26 5.46
N ASP B 112 22.97 -19.79 6.58
CA ASP B 112 22.55 -21.14 7.00
C ASP B 112 21.21 -21.13 7.71
N ASN B 113 20.98 -20.17 8.61
CA ASN B 113 19.71 -20.11 9.34
C ASN B 113 18.70 -19.22 8.64
N GLU B 114 18.48 -19.46 7.33
CA GLU B 114 17.47 -18.74 6.55
C GLU B 114 16.69 -19.61 5.59
N ALA B 115 17.10 -20.84 5.31
CA ALA B 115 16.46 -21.66 4.28
C ALA B 115 15.79 -22.88 4.90
N THR B 116 14.92 -23.49 4.10
CA THR B 116 14.17 -24.68 4.48
C THR B 116 14.43 -25.85 3.54
N ALA B 117 15.00 -25.62 2.36
CA ALA B 117 15.24 -26.65 1.37
C ALA B 117 16.31 -27.64 1.84
N GLU B 118 16.27 -28.83 1.25
CA GLU B 118 17.09 -29.96 1.67
C GLU B 118 18.40 -30.08 0.89
N ASP B 119 18.85 -29.01 0.24
CA ASP B 119 20.03 -29.11 -0.60
C ASP B 119 20.80 -27.80 -0.53
N GLN B 120 21.85 -27.70 -1.36
CA GLN B 120 22.74 -26.54 -1.43
C GLN B 120 22.37 -25.68 -2.64
N PRO B 121 22.61 -24.36 -2.59
CA PRO B 121 22.08 -23.49 -3.66
C PRO B 121 22.80 -23.62 -5.00
N THR B 122 24.14 -23.69 -5.00
CA THR B 122 24.97 -23.72 -6.21
C THR B 122 24.66 -22.52 -7.12
N GLN B 123 25.01 -21.34 -6.62
CA GLN B 123 24.71 -20.09 -7.31
C GLN B 123 25.51 -19.97 -8.60
N PRO B 124 24.90 -19.56 -9.71
CA PRO B 124 25.64 -19.35 -10.97
C PRO B 124 26.20 -17.94 -11.10
N ASP B 125 27.11 -17.59 -10.19
CA ASP B 125 27.74 -16.28 -10.19
C ASP B 125 28.61 -16.05 -11.42
N VAL B 126 29.19 -17.12 -11.97
CA VAL B 126 30.15 -16.99 -13.07
C VAL B 126 29.52 -16.63 -14.40
N ALA B 127 28.20 -16.63 -14.52
CA ALA B 127 27.60 -16.43 -15.84
C ALA B 127 26.41 -15.50 -15.89
N THR B 128 25.75 -15.17 -14.78
CA THR B 128 24.47 -14.48 -14.87
C THR B 128 24.55 -13.01 -14.50
N CYS B 129 25.67 -12.53 -13.98
CA CYS B 129 25.76 -11.16 -13.50
C CYS B 129 26.26 -10.28 -14.64
N ARG B 130 25.32 -9.71 -15.38
CA ARG B 130 25.63 -8.81 -16.48
C ARG B 130 24.45 -7.87 -16.67
N PHE B 131 24.56 -6.97 -17.64
CA PHE B 131 23.56 -5.95 -17.87
C PHE B 131 22.64 -6.37 -19.01
N TYR B 132 21.34 -6.41 -18.74
CA TYR B 132 20.34 -6.79 -19.74
C TYR B 132 19.57 -5.54 -20.13
N THR B 133 20.07 -4.82 -21.12
CA THR B 133 19.47 -3.57 -21.56
C THR B 133 18.27 -3.87 -22.44
N LEU B 134 17.06 -3.60 -21.93
CA LEU B 134 15.84 -3.84 -22.67
C LEU B 134 15.66 -2.80 -23.76
N ASP B 135 14.63 -2.99 -24.58
CA ASP B 135 14.33 -2.06 -25.66
C ASP B 135 13.86 -0.73 -25.10
N SER B 136 14.13 0.33 -25.86
CA SER B 136 13.80 1.68 -25.41
C SER B 136 12.36 2.02 -25.73
N ILE B 137 11.68 2.64 -24.77
CA ILE B 137 10.35 3.16 -24.97
C ILE B 137 10.47 4.63 -25.34
N GLN B 138 9.44 5.14 -25.99
CA GLN B 138 9.41 6.54 -26.43
C GLN B 138 8.44 7.30 -25.55
N TRP B 139 8.98 8.16 -24.70
CA TRP B 139 8.18 9.07 -23.89
C TRP B 139 7.64 10.17 -24.80
N GLN B 140 6.42 10.03 -25.25
CA GLN B 140 5.81 11.06 -26.08
C GLN B 140 5.07 12.07 -25.21
N LYS B 141 4.39 13.00 -25.86
CA LYS B 141 3.70 14.06 -25.14
C LYS B 141 2.45 13.54 -24.44
N GLU B 142 1.83 12.50 -24.99
CA GLU B 142 0.53 12.03 -24.54
C GLU B 142 0.60 10.64 -23.90
N SER B 143 1.79 10.23 -23.44
CA SER B 143 1.96 8.94 -22.80
C SER B 143 1.61 9.03 -21.33
N ASP B 144 1.22 7.89 -20.76
CA ASP B 144 0.68 7.84 -19.41
C ASP B 144 1.55 7.08 -18.42
N GLY B 145 2.24 6.04 -18.84
CA GLY B 145 3.04 5.25 -17.92
C GLY B 145 3.24 3.85 -18.44
N TRP B 146 4.25 3.18 -17.89
CA TRP B 146 4.62 1.83 -18.30
C TRP B 146 4.96 1.00 -17.07
N TRP B 147 4.68 -0.30 -17.14
CA TRP B 147 5.11 -1.21 -16.08
C TRP B 147 5.65 -2.50 -16.67
N TRP B 148 6.67 -3.05 -16.01
CA TRP B 148 7.18 -4.39 -16.25
C TRP B 148 7.04 -5.21 -14.98
N LYS B 149 6.59 -6.45 -15.10
CA LYS B 149 6.56 -7.38 -13.98
C LYS B 149 7.85 -8.18 -13.97
N PHE B 150 8.39 -8.39 -12.78
CA PHE B 150 9.63 -9.13 -12.60
C PHE B 150 9.37 -10.38 -11.77
N PRO B 151 10.08 -11.48 -12.04
CA PRO B 151 11.19 -11.70 -12.94
C PRO B 151 10.83 -12.14 -14.35
N GLU B 152 9.57 -11.94 -14.76
CA GLU B 152 9.18 -12.30 -16.12
C GLU B 152 9.80 -11.38 -17.16
N ALA B 153 10.27 -10.19 -16.75
CA ALA B 153 10.87 -9.24 -17.67
C ALA B 153 12.20 -9.71 -18.25
N LEU B 154 12.81 -10.73 -17.67
CA LEU B 154 14.03 -11.34 -18.21
C LEU B 154 13.78 -12.81 -18.56
N LYS B 155 12.62 -13.09 -19.16
CA LYS B 155 12.28 -14.47 -19.47
C LYS B 155 13.04 -14.99 -20.69
N ASN B 156 13.30 -14.13 -21.67
CA ASN B 156 14.06 -14.51 -22.85
C ASN B 156 15.47 -13.94 -22.84
N MET B 157 15.83 -13.14 -21.83
CA MET B 157 17.11 -12.45 -21.81
C MET B 157 18.21 -13.42 -21.39
N GLY B 158 18.67 -14.20 -22.37
CA GLY B 158 19.95 -14.87 -22.25
C GLY B 158 19.94 -16.05 -21.28
N LEU B 159 21.02 -16.18 -20.53
CA LEU B 159 21.22 -17.30 -19.63
C LEU B 159 20.35 -17.22 -18.39
N PHE B 160 19.98 -16.00 -17.96
CA PHE B 160 19.06 -15.86 -16.85
C PHE B 160 17.67 -16.39 -17.19
N GLY B 161 17.27 -16.30 -18.45
CA GLY B 161 16.05 -16.96 -18.87
C GLY B 161 16.17 -18.46 -18.92
N GLN B 162 17.37 -18.98 -19.18
CA GLN B 162 17.59 -20.42 -19.16
C GLN B 162 17.54 -20.97 -17.74
N ASN B 163 18.01 -20.20 -16.77
CA ASN B 163 17.95 -20.64 -15.38
C ASN B 163 16.53 -20.62 -14.85
N MET B 164 15.68 -19.76 -15.41
CA MET B 164 14.26 -19.80 -15.05
C MET B 164 13.60 -21.05 -15.61
N GLU B 165 14.15 -21.60 -16.70
CA GLU B 165 13.62 -22.85 -17.24
C GLU B 165 14.14 -24.05 -16.45
N TYR B 166 15.45 -24.21 -16.40
CA TYR B 166 16.07 -25.44 -15.90
C TYR B 166 16.36 -25.37 -14.40
N HIS B 167 15.37 -24.94 -13.62
CA HIS B 167 15.45 -24.95 -12.16
C HIS B 167 14.02 -24.98 -11.62
N TYR B 168 13.91 -25.09 -10.31
CA TYR B 168 12.61 -25.11 -9.67
C TYR B 168 12.39 -23.93 -8.73
N LEU B 169 13.39 -23.57 -7.94
CA LEU B 169 13.33 -22.42 -7.07
C LEU B 169 14.38 -21.41 -7.48
N GLY B 170 14.15 -20.15 -7.11
CA GLY B 170 15.09 -19.09 -7.44
C GLY B 170 14.97 -17.92 -6.51
N ARG B 171 16.04 -17.14 -6.43
CA ARG B 171 16.13 -16.05 -5.47
C ARG B 171 17.16 -15.06 -5.99
N SER B 172 16.74 -13.81 -6.23
CA SER B 172 17.62 -12.87 -6.89
C SER B 172 17.23 -11.44 -6.54
N GLY B 173 18.23 -10.60 -6.33
CA GLY B 173 18.05 -9.16 -6.29
C GLY B 173 18.38 -8.54 -7.64
N TYR B 174 18.01 -7.28 -7.81
CA TYR B 174 18.21 -6.65 -9.14
C TYR B 174 18.75 -5.23 -8.95
N THR B 175 19.36 -4.67 -9.97
CA THR B 175 19.84 -3.27 -9.93
C THR B 175 19.28 -2.58 -11.16
N ILE B 176 18.01 -2.19 -11.11
CA ILE B 176 17.36 -1.51 -12.26
C ILE B 176 17.97 -0.14 -12.42
N HIS B 177 18.53 0.13 -13.59
CA HIS B 177 19.09 1.44 -13.91
C HIS B 177 18.28 2.04 -15.04
N VAL B 178 17.66 3.18 -14.81
CA VAL B 178 16.78 3.84 -15.76
C VAL B 178 17.39 5.19 -16.11
N GLN B 179 17.52 5.48 -17.40
CA GLN B 179 18.06 6.77 -17.80
C GLN B 179 17.41 7.22 -19.10
N CYS B 180 17.36 8.55 -19.27
CA CYS B 180 16.72 9.20 -20.40
C CYS B 180 17.74 10.03 -21.16
N ASN B 181 17.46 10.27 -22.44
CA ASN B 181 18.32 11.10 -23.29
C ASN B 181 17.47 12.27 -23.79
N ALA B 182 17.44 13.34 -23.01
CA ALA B 182 16.72 14.54 -23.37
C ALA B 182 17.71 15.68 -23.54
N SER B 183 17.27 16.72 -24.24
CA SER B 183 18.06 17.92 -24.39
C SER B 183 17.81 18.86 -23.21
N LYS B 184 18.39 20.05 -23.27
CA LYS B 184 18.10 21.05 -22.25
C LYS B 184 16.86 21.86 -22.59
N PHE B 185 16.27 21.64 -23.75
CA PHE B 185 15.07 22.34 -24.19
C PHE B 185 13.83 21.49 -24.05
N HIS B 186 13.95 20.30 -23.46
CA HIS B 186 12.85 19.44 -23.06
C HIS B 186 12.55 19.66 -21.59
N GLN B 187 11.33 19.29 -21.18
CA GLN B 187 10.94 19.36 -19.79
C GLN B 187 9.99 18.21 -19.48
N GLY B 188 10.02 17.78 -18.22
CA GLY B 188 9.18 16.68 -17.80
C GLY B 188 9.71 16.07 -16.52
N CYS B 189 8.92 15.14 -15.97
CA CYS B 189 9.25 14.52 -14.70
C CYS B 189 8.71 13.10 -14.69
N LEU B 190 9.53 12.15 -14.28
CA LEU B 190 9.12 10.75 -14.15
C LEU B 190 9.25 10.30 -12.71
N LEU B 191 8.44 9.32 -12.35
CA LEU B 191 8.54 8.64 -11.07
C LEU B 191 8.78 7.16 -11.35
N VAL B 192 9.88 6.63 -10.84
CA VAL B 192 10.33 5.28 -11.14
C VAL B 192 10.21 4.47 -9.86
N VAL B 193 9.18 3.64 -9.76
CA VAL B 193 8.85 2.91 -8.53
C VAL B 193 9.19 1.45 -8.73
N CYS B 194 9.58 0.78 -7.64
CA CYS B 194 9.63 -0.68 -7.57
C CYS B 194 8.64 -1.13 -6.52
N VAL B 195 7.55 -1.76 -6.95
CA VAL B 195 6.41 -2.07 -6.08
C VAL B 195 6.47 -3.56 -5.75
N PRO B 196 6.83 -3.94 -4.52
CA PRO B 196 6.79 -5.36 -4.15
C PRO B 196 5.36 -5.85 -3.99
N GLU B 197 5.06 -6.99 -4.64
CA GLU B 197 3.74 -7.63 -4.67
C GLU B 197 2.66 -6.67 -5.16
N ALA B 198 2.86 -6.17 -6.38
CA ALA B 198 1.91 -5.26 -7.00
C ALA B 198 0.80 -6.08 -7.67
N GLU B 199 -0.06 -6.64 -6.83
CA GLU B 199 -1.21 -7.36 -7.34
C GLU B 199 -2.21 -6.37 -7.94
N MET B 200 -2.76 -6.71 -9.10
CA MET B 200 -3.52 -5.77 -9.89
C MET B 200 -4.95 -6.24 -10.06
N GLY B 201 -5.88 -5.28 -10.05
CA GLY B 201 -7.28 -5.59 -10.22
C GLY B 201 -7.69 -5.59 -11.67
N CYS B 202 -8.86 -6.15 -11.93
CA CYS B 202 -9.32 -6.32 -13.30
C CYS B 202 -10.19 -5.14 -13.73
N SER B 203 -10.28 -4.97 -15.06
CA SER B 203 -11.06 -3.88 -15.62
C SER B 203 -12.56 -4.12 -15.50
N ASP B 204 -12.96 -5.37 -15.31
CA ASP B 204 -14.36 -5.71 -15.09
C ASP B 204 -14.47 -6.29 -13.69
N VAL B 205 -15.33 -5.70 -12.86
CA VAL B 205 -15.60 -6.29 -11.56
C VAL B 205 -16.41 -7.57 -11.75
N GLU B 206 -16.36 -8.42 -10.72
CA GLU B 206 -16.90 -9.80 -10.75
C GLU B 206 -16.27 -10.60 -11.89
N ARG B 207 -14.99 -10.39 -12.12
CA ARG B 207 -14.22 -11.12 -13.12
C ARG B 207 -12.77 -11.14 -12.69
N GLU B 208 -11.95 -11.88 -13.43
CA GLU B 208 -10.55 -12.06 -13.07
C GLU B 208 -9.64 -11.81 -14.27
N VAL B 209 -8.39 -11.45 -13.96
CA VAL B 209 -7.41 -11.18 -15.00
C VAL B 209 -6.88 -12.50 -15.59
N VAL B 210 -6.26 -12.39 -16.75
CA VAL B 210 -5.47 -13.46 -17.32
C VAL B 210 -4.01 -13.09 -17.21
N ALA B 211 -3.13 -14.06 -17.44
CA ALA B 211 -1.70 -13.81 -17.38
C ALA B 211 -1.20 -13.03 -18.58
N ALA B 212 -1.93 -13.07 -19.69
CA ALA B 212 -1.53 -12.37 -20.90
C ALA B 212 -1.78 -10.87 -20.82
N SER B 213 -2.55 -10.41 -19.84
CA SER B 213 -2.81 -8.99 -19.67
C SER B 213 -2.03 -8.38 -18.52
N LEU B 214 -1.40 -9.19 -17.68
CA LEU B 214 -0.59 -8.64 -16.61
C LEU B 214 0.73 -8.11 -17.13
N SER B 215 1.40 -8.86 -17.99
CA SER B 215 2.71 -8.47 -18.47
C SER B 215 3.04 -9.18 -19.77
N SER B 216 3.74 -8.48 -20.65
CA SER B 216 4.44 -9.12 -21.74
C SER B 216 5.80 -9.61 -21.25
N GLU B 217 6.48 -10.39 -22.09
CA GLU B 217 7.71 -11.03 -21.64
C GLU B 217 8.88 -10.06 -21.60
N ASP B 218 8.94 -9.10 -22.51
CA ASP B 218 10.06 -8.15 -22.53
C ASP B 218 9.65 -6.72 -22.80
N THR B 219 8.45 -6.46 -23.29
CA THR B 219 8.00 -5.12 -23.61
C THR B 219 7.10 -4.59 -22.50
N ALA B 220 6.98 -3.27 -22.46
CA ALA B 220 6.23 -2.62 -21.40
C ALA B 220 4.74 -2.78 -21.61
N LYS B 221 3.99 -2.53 -20.54
CA LYS B 221 2.54 -2.48 -20.57
C LYS B 221 2.12 -1.06 -20.23
N SER B 222 1.27 -0.47 -21.07
CA SER B 222 0.96 0.95 -20.96
C SER B 222 -0.21 1.19 -20.03
N PHE B 223 -0.06 2.19 -19.15
CA PHE B 223 -1.21 2.75 -18.47
C PHE B 223 -2.02 3.61 -19.44
N SER B 224 -3.22 3.98 -19.03
CA SER B 224 -4.12 4.73 -19.88
C SER B 224 -4.67 5.93 -19.14
N ARG B 225 -4.97 6.99 -19.91
CA ARG B 225 -5.57 8.18 -19.32
C ARG B 225 -7.03 7.93 -18.96
N THR B 226 -7.76 7.30 -19.87
CA THR B 226 -9.18 7.03 -19.68
C THR B 226 -9.37 5.68 -19.00
N GLU B 227 -10.62 5.22 -18.94
CA GLU B 227 -10.98 3.96 -18.30
C GLU B 227 -10.88 2.82 -19.29
N SER B 228 -10.17 1.75 -18.91
CA SER B 228 -10.21 0.52 -19.68
C SER B 228 -11.53 -0.20 -19.42
N ASN B 229 -11.95 -1.00 -20.39
CA ASN B 229 -13.30 -1.56 -20.32
C ASN B 229 -13.38 -3.02 -20.78
N GLY B 230 -12.27 -3.74 -20.82
CA GLY B 230 -12.29 -5.10 -21.32
C GLY B 230 -12.91 -6.08 -20.35
N GLN B 231 -12.90 -7.34 -20.76
CA GLN B 231 -13.48 -8.40 -19.93
C GLN B 231 -12.45 -9.01 -18.98
N HIS B 232 -11.29 -9.39 -19.49
CA HIS B 232 -10.26 -10.02 -18.67
C HIS B 232 -8.98 -9.19 -18.60
N THR B 233 -9.07 -7.89 -18.83
CA THR B 233 -7.90 -7.04 -18.87
C THR B 233 -7.63 -6.46 -17.48
N VAL B 234 -6.70 -5.52 -17.39
CA VAL B 234 -6.35 -4.85 -16.15
C VAL B 234 -6.96 -3.46 -16.19
N GLN B 235 -7.38 -2.96 -15.02
CA GLN B 235 -7.81 -1.58 -14.93
C GLN B 235 -6.60 -0.68 -15.06
N THR B 236 -6.30 -0.26 -16.29
CA THR B 236 -5.07 0.44 -16.61
C THR B 236 -5.22 1.95 -16.54
N VAL B 237 -6.12 2.46 -15.70
CA VAL B 237 -6.22 3.91 -15.54
C VAL B 237 -5.02 4.37 -14.73
N VAL B 238 -4.56 5.59 -15.01
CA VAL B 238 -3.21 5.92 -14.58
C VAL B 238 -3.18 6.44 -13.15
N TYR B 239 -4.22 7.14 -12.70
CA TYR B 239 -4.16 7.77 -11.39
C TYR B 239 -4.49 6.81 -10.26
N ASN B 240 -4.88 5.59 -10.57
CA ASN B 240 -5.09 4.57 -9.56
C ASN B 240 -4.05 3.47 -9.60
N ALA B 241 -3.10 3.55 -10.55
CA ALA B 241 -1.89 2.74 -10.63
C ALA B 241 -2.15 1.25 -10.77
N GLY B 242 -3.35 0.86 -11.20
CA GLY B 242 -3.70 -0.54 -11.33
C GLY B 242 -3.92 -1.30 -10.03
N MET B 243 -3.73 -0.66 -8.87
CA MET B 243 -3.87 -1.31 -7.59
C MET B 243 -4.99 -0.71 -6.74
N GLY B 244 -5.65 0.34 -7.20
CA GLY B 244 -6.74 0.94 -6.46
C GLY B 244 -6.31 1.94 -5.41
N VAL B 245 -5.18 2.59 -5.58
CA VAL B 245 -4.59 3.48 -4.59
C VAL B 245 -4.44 4.86 -5.21
N GLY B 246 -3.89 5.81 -4.46
CA GLY B 246 -3.51 7.08 -5.05
C GLY B 246 -2.13 6.99 -5.66
N VAL B 247 -1.99 7.54 -6.88
CA VAL B 247 -0.75 7.41 -7.62
C VAL B 247 0.35 8.27 -6.99
N GLY B 248 -0.01 9.31 -6.26
CA GLY B 248 0.99 10.08 -5.54
C GLY B 248 1.52 9.42 -4.30
N ASN B 249 0.93 8.30 -3.90
CA ASN B 249 1.34 7.62 -2.64
C ASN B 249 2.24 6.44 -2.96
N LEU B 250 2.64 6.28 -4.22
CA LEU B 250 3.51 5.15 -4.65
C LEU B 250 4.92 5.51 -4.22
N THR B 251 5.10 6.69 -3.66
CA THR B 251 6.42 7.16 -3.17
C THR B 251 6.78 6.36 -1.91
N ILE B 252 5.84 5.60 -1.37
CA ILE B 252 6.09 4.75 -0.16
C ILE B 252 7.13 3.69 -0.48
N PHE B 253 7.09 3.09 -1.68
CA PHE B 253 8.02 2.01 -2.09
C PHE B 253 9.34 2.60 -2.57
N PRO B 254 10.45 1.84 -2.70
CA PRO B 254 11.69 2.38 -3.27
C PRO B 254 11.49 3.16 -4.58
N HIS B 255 11.92 4.42 -4.68
CA HIS B 255 11.60 5.23 -5.84
C HIS B 255 12.68 6.26 -6.10
N GLN B 256 12.56 6.90 -7.26
CA GLN B 256 13.49 7.91 -7.74
C GLN B 256 12.71 8.83 -8.65
N TRP B 257 13.08 10.10 -8.67
CA TRP B 257 12.47 11.07 -9.58
C TRP B 257 13.46 11.47 -10.66
N ILE B 258 13.09 11.24 -11.90
CA ILE B 258 13.84 11.75 -13.04
C ILE B 258 13.17 13.07 -13.42
N ASN B 259 13.78 14.17 -13.02
CA ASN B 259 13.35 15.50 -13.39
C ASN B 259 14.34 16.02 -14.43
N LEU B 260 13.86 16.20 -15.67
CA LEU B 260 14.73 16.49 -16.81
C LEU B 260 15.47 17.81 -16.69
N ARG B 261 15.00 18.71 -15.83
CA ARG B 261 15.73 19.95 -15.55
C ARG B 261 17.06 19.69 -14.88
N THR B 262 17.10 18.78 -13.90
CA THR B 262 18.29 18.54 -13.11
C THR B 262 18.80 17.10 -13.18
N ASN B 263 17.90 16.12 -13.09
CA ASN B 263 18.29 14.71 -13.07
C ASN B 263 18.21 14.14 -14.49
N ASN B 264 18.94 13.05 -14.70
CA ASN B 264 18.91 12.41 -16.01
C ASN B 264 18.66 10.93 -15.89
N SER B 265 19.13 10.34 -14.78
CA SER B 265 19.14 8.90 -14.60
C SER B 265 18.56 8.53 -13.24
N ALA B 266 18.29 7.25 -13.07
CA ALA B 266 17.73 6.72 -11.84
C ALA B 266 18.17 5.27 -11.72
N THR B 267 18.62 4.88 -10.53
CA THR B 267 19.14 3.55 -10.29
C THR B 267 18.70 3.03 -8.94
N ILE B 268 17.93 1.95 -8.94
CA ILE B 268 17.32 1.37 -7.75
C ILE B 268 17.86 -0.04 -7.59
N VAL B 269 18.27 -0.37 -6.37
CA VAL B 269 18.87 -1.67 -6.07
C VAL B 269 17.86 -2.44 -5.22
N MET B 270 17.10 -3.34 -5.84
CA MET B 270 16.06 -4.07 -5.13
C MET B 270 16.60 -5.37 -4.56
N PRO B 271 16.35 -5.68 -3.30
CA PRO B 271 16.69 -7.00 -2.76
C PRO B 271 15.59 -8.00 -3.08
N TYR B 272 15.75 -9.21 -2.57
CA TYR B 272 14.74 -10.24 -2.72
C TYR B 272 13.77 -10.15 -1.55
N ILE B 273 12.51 -9.84 -1.84
CA ILE B 273 11.47 -9.74 -0.82
C ILE B 273 10.43 -10.80 -1.09
N ASN B 274 10.23 -11.68 -0.12
CA ASN B 274 9.20 -12.72 -0.18
C ASN B 274 8.92 -13.15 1.24
N SER B 275 7.88 -13.97 1.40
CA SER B 275 7.60 -14.58 2.70
C SER B 275 8.20 -15.96 2.82
N VAL B 276 8.76 -16.50 1.75
CA VAL B 276 9.50 -17.76 1.76
C VAL B 276 10.90 -17.46 1.27
N PRO B 277 11.89 -18.29 1.64
CA PRO B 277 13.27 -17.99 1.22
C PRO B 277 13.51 -18.17 -0.28
N MET B 278 12.72 -19.00 -0.95
CA MET B 278 12.90 -19.23 -2.37
C MET B 278 11.55 -19.58 -2.96
N ASP B 279 11.24 -19.00 -4.12
CA ASP B 279 9.97 -19.26 -4.77
C ASP B 279 10.23 -19.66 -6.22
N ASN B 280 9.21 -20.28 -6.83
CA ASN B 280 9.27 -20.66 -8.23
C ASN B 280 8.99 -19.45 -9.08
N MET B 281 9.96 -19.05 -9.90
CA MET B 281 9.86 -17.82 -10.68
C MET B 281 9.27 -18.03 -12.07
N PHE B 282 8.11 -18.68 -12.10
CA PHE B 282 7.17 -18.65 -13.22
C PHE B 282 5.79 -18.16 -12.82
N ARG B 283 5.30 -18.60 -11.67
CA ARG B 283 3.99 -18.22 -11.20
C ARG B 283 4.01 -16.90 -10.44
N HIS B 284 5.04 -16.67 -9.65
CA HIS B 284 5.10 -15.51 -8.77
C HIS B 284 5.77 -14.34 -9.47
N TYR B 285 5.19 -13.16 -9.28
CA TYR B 285 5.78 -11.90 -9.73
C TYR B 285 6.32 -11.21 -8.48
N ASN B 286 7.65 -11.07 -8.41
CA ASN B 286 8.26 -10.56 -7.20
C ASN B 286 7.98 -9.08 -6.99
N PHE B 287 8.19 -8.27 -8.03
CA PHE B 287 7.88 -6.86 -7.95
C PHE B 287 7.52 -6.34 -9.33
N THR B 288 7.11 -5.08 -9.37
CA THR B 288 6.73 -4.39 -10.60
C THR B 288 7.48 -3.07 -10.66
N LEU B 289 8.11 -2.81 -11.80
CA LEU B 289 8.79 -1.54 -12.03
C LEU B 289 7.87 -0.63 -12.83
N MET B 290 7.37 0.42 -12.19
CA MET B 290 6.49 1.38 -12.84
C MET B 290 7.23 2.66 -13.12
N ILE B 291 6.99 3.23 -14.30
CA ILE B 291 7.57 4.52 -14.70
C ILE B 291 6.42 5.40 -15.15
N ILE B 292 6.06 6.39 -14.34
CA ILE B 292 4.88 7.22 -14.56
C ILE B 292 5.34 8.66 -14.73
N PRO B 293 4.92 9.37 -15.78
CA PRO B 293 5.22 10.80 -15.90
C PRO B 293 4.22 11.65 -15.15
N PHE B 294 4.69 12.39 -14.14
CA PHE B 294 3.81 13.26 -13.39
C PHE B 294 3.66 14.63 -14.04
N ALA B 295 4.76 15.23 -14.50
CA ALA B 295 4.71 16.41 -15.34
C ALA B 295 4.95 15.97 -16.78
N LYS B 296 4.02 16.28 -17.67
CA LYS B 296 4.09 15.73 -19.01
C LYS B 296 5.18 16.40 -19.83
N LEU B 297 5.57 15.72 -20.90
CA LEU B 297 6.68 16.18 -21.73
C LEU B 297 6.24 17.31 -22.64
N GLU B 298 6.97 18.41 -22.60
CA GLU B 298 6.73 19.55 -23.47
C GLU B 298 8.00 19.88 -24.23
N TYR B 299 7.82 20.40 -25.44
CA TYR B 299 8.92 20.76 -26.32
C TYR B 299 8.37 21.73 -27.35
N THR B 300 9.26 22.46 -27.99
CA THR B 300 8.86 23.36 -29.07
C THR B 300 8.93 22.60 -30.39
N GLU B 301 8.84 23.33 -31.51
CA GLU B 301 8.67 22.68 -32.80
C GLU B 301 9.99 22.21 -33.42
N GLN B 302 11.13 22.73 -32.97
CA GLN B 302 12.40 22.24 -33.48
C GLN B 302 12.73 20.84 -32.95
N ALA B 303 12.14 20.45 -31.84
CA ALA B 303 12.71 19.39 -31.03
C ALA B 303 12.23 18.03 -31.51
N SER B 304 13.03 17.01 -31.23
CA SER B 304 12.60 15.65 -31.46
C SER B 304 11.48 15.32 -30.49
N ASN B 305 10.38 14.79 -31.02
CA ASN B 305 9.12 14.76 -30.27
C ASN B 305 8.96 13.48 -29.46
N TYR B 306 10.00 13.12 -28.73
CA TYR B 306 10.03 11.99 -27.80
C TYR B 306 11.34 12.04 -27.05
N VAL B 307 11.37 11.34 -25.93
CA VAL B 307 12.57 11.16 -25.12
C VAL B 307 12.71 9.67 -24.90
N PRO B 308 13.79 9.03 -25.35
CA PRO B 308 13.93 7.60 -25.13
C PRO B 308 14.30 7.30 -23.68
N ILE B 309 13.54 6.40 -23.06
CA ILE B 309 13.81 5.90 -21.72
C ILE B 309 14.37 4.50 -21.86
N THR B 310 15.60 4.30 -21.39
CA THR B 310 16.31 3.03 -21.52
C THR B 310 16.45 2.41 -20.14
N VAL B 311 15.91 1.20 -19.98
CA VAL B 311 15.98 0.46 -18.72
C VAL B 311 17.04 -0.62 -18.86
N THR B 312 17.85 -0.79 -17.81
CA THR B 312 18.93 -1.78 -17.79
C THR B 312 18.89 -2.53 -16.48
N VAL B 313 18.65 -3.84 -16.54
CA VAL B 313 18.48 -4.67 -15.35
C VAL B 313 19.69 -5.58 -15.21
N ALA B 314 20.29 -5.58 -14.03
CA ALA B 314 21.41 -6.46 -13.71
C ALA B 314 21.06 -7.30 -12.49
N PRO B 315 20.96 -8.62 -12.61
CA PRO B 315 20.62 -9.44 -11.45
C PRO B 315 21.76 -9.51 -10.45
N MET B 316 21.41 -9.73 -9.19
CA MET B 316 22.38 -9.71 -8.10
C MET B 316 22.18 -10.92 -7.21
N CYS B 317 23.27 -11.66 -6.99
CA CYS B 317 23.34 -12.77 -6.03
C CYS B 317 22.30 -13.86 -6.32
N ALA B 318 22.14 -14.20 -7.59
CA ALA B 318 21.13 -15.17 -7.99
C ALA B 318 21.55 -16.58 -7.60
N GLU B 319 20.64 -17.31 -6.96
CA GLU B 319 20.91 -18.68 -6.56
C GLU B 319 19.64 -19.49 -6.67
N TYR B 320 19.80 -20.78 -6.94
CA TYR B 320 18.68 -21.62 -7.34
C TYR B 320 18.65 -22.93 -6.56
N ASN B 321 17.77 -23.85 -6.98
CA ASN B 321 17.68 -25.22 -6.47
C ASN B 321 16.74 -26.00 -7.38
N GLY B 322 16.95 -27.31 -7.43
CA GLY B 322 16.05 -28.16 -8.20
C GLY B 322 16.38 -28.31 -9.67
N LEU B 323 17.57 -28.81 -9.99
CA LEU B 323 17.97 -29.02 -11.37
C LEU B 323 17.13 -30.11 -12.04
N ARG B 324 16.55 -29.78 -13.19
CA ARG B 324 15.67 -30.68 -13.93
C ARG B 324 15.63 -30.18 -15.38
N LEU B 325 14.65 -30.67 -16.15
CA LEU B 325 14.44 -30.23 -17.51
C LEU B 325 13.61 -28.94 -17.54
N ALA B 326 13.45 -28.39 -18.73
CA ALA B 326 12.72 -27.15 -18.94
C ALA B 326 11.25 -27.46 -19.17
N SER B 327 10.37 -26.73 -18.48
CA SER B 327 8.93 -26.94 -18.57
C SER B 327 8.24 -25.59 -18.45
N HIS B 328 7.89 -24.96 -19.58
CA HIS B 328 8.14 -25.46 -20.94
C HIS B 328 9.10 -24.48 -21.64
N GLN B 329 9.96 -24.94 -22.57
CA GLN B 329 10.13 -26.33 -22.97
C GLN B 329 11.61 -26.65 -23.22
N SER C 10 -12.97 -7.57 37.29
CA SER C 10 -14.13 -8.32 37.77
C SER C 10 -14.31 -9.62 36.98
N ASN C 11 -15.56 -10.04 36.82
CA ASN C 11 -15.91 -11.17 35.96
C ASN C 11 -16.51 -10.70 34.64
N GLN C 12 -15.98 -9.61 34.12
CA GLN C 12 -16.48 -8.93 32.93
C GLN C 12 -15.55 -9.20 31.76
N PHE C 13 -15.89 -8.60 30.62
CA PHE C 13 -15.05 -8.66 29.42
C PHE C 13 -14.91 -7.23 28.90
N LEU C 14 -13.81 -6.56 29.26
CA LEU C 14 -13.37 -5.38 28.55
C LEU C 14 -12.74 -5.80 27.23
N THR C 15 -13.22 -5.20 26.13
CA THR C 15 -12.63 -5.48 24.84
C THR C 15 -11.23 -4.87 24.73
N SER C 16 -10.95 -3.82 25.48
CA SER C 16 -9.62 -3.23 25.55
C SER C 16 -8.91 -3.68 26.83
N ASP C 17 -8.65 -4.99 26.89
CA ASP C 17 -7.99 -5.55 28.07
C ASP C 17 -7.02 -6.63 27.64
N ASP C 18 -5.74 -6.40 27.92
CA ASP C 18 -4.68 -7.35 27.57
C ASP C 18 -4.64 -8.45 28.62
N PHE C 19 -4.88 -9.69 28.20
CA PHE C 19 -4.78 -10.84 29.07
C PHE C 19 -4.24 -12.01 28.27
N GLN C 20 -3.41 -12.81 28.92
CA GLN C 20 -3.00 -14.06 28.31
C GLN C 20 -4.14 -15.07 28.36
N SER C 21 -4.18 -15.93 27.37
CA SER C 21 -5.18 -16.98 27.24
C SER C 21 -4.47 -18.30 27.08
N PRO C 22 -5.14 -19.42 27.37
CA PRO C 22 -4.53 -20.72 27.08
C PRO C 22 -4.45 -20.95 25.58
N SER C 23 -3.29 -21.43 25.14
CA SER C 23 -3.07 -21.71 23.72
C SER C 23 -3.93 -22.88 23.28
N ALA C 24 -4.64 -22.70 22.16
CA ALA C 24 -5.44 -23.79 21.63
C ALA C 24 -4.57 -24.92 21.09
N MET C 25 -3.43 -24.55 20.53
CA MET C 25 -2.50 -25.56 19.96
C MET C 25 -1.16 -25.45 20.68
N PRO C 26 -0.99 -25.92 21.94
CA PRO C 26 0.33 -25.93 22.56
C PRO C 26 1.02 -27.10 21.84
N GLN C 27 2.31 -27.30 22.06
CA GLN C 27 2.99 -28.48 21.45
C GLN C 27 3.12 -28.30 19.93
N PHE C 28 3.00 -27.07 19.43
CA PHE C 28 3.18 -26.80 17.98
C PHE C 28 4.36 -25.84 17.81
N ASP C 29 5.30 -26.17 16.93
CA ASP C 29 6.51 -25.34 16.74
C ASP C 29 6.28 -24.34 15.61
N VAL C 30 6.41 -23.06 15.90
CA VAL C 30 6.12 -22.01 14.88
C VAL C 30 7.24 -21.97 13.85
N THR C 31 6.92 -21.63 12.61
CA THR C 31 7.95 -21.51 11.56
C THR C 31 8.97 -20.43 11.97
N PRO C 32 10.29 -20.73 12.06
CA PRO C 32 11.31 -19.74 12.45
C PRO C 32 11.28 -18.51 11.54
N GLU C 33 11.18 -17.35 12.17
CA GLU C 33 11.05 -16.11 11.41
C GLU C 33 12.38 -15.77 10.74
N MET C 34 12.29 -15.35 9.49
CA MET C 34 13.46 -15.01 8.71
C MET C 34 13.52 -13.50 8.50
N LYS C 35 14.66 -13.05 8.01
CA LYS C 35 14.90 -11.63 7.80
C LYS C 35 14.20 -11.19 6.52
N ILE C 36 13.09 -10.48 6.67
CA ILE C 36 12.42 -9.82 5.56
C ILE C 36 12.77 -8.34 5.62
N PRO C 37 13.22 -7.72 4.54
CA PRO C 37 13.56 -6.31 4.59
C PRO C 37 12.33 -5.41 4.63
N GLY C 38 12.44 -4.33 5.38
CA GLY C 38 11.41 -3.32 5.39
C GLY C 38 10.48 -3.38 6.57
N GLU C 39 11.01 -3.67 7.75
CA GLU C 39 10.19 -3.81 8.93
C GLU C 39 9.72 -2.45 9.44
N VAL C 40 8.46 -2.38 9.83
CA VAL C 40 7.84 -1.17 10.33
C VAL C 40 7.62 -1.35 11.83
N HIS C 41 8.03 -0.36 12.61
CA HIS C 41 7.79 -0.39 14.04
C HIS C 41 6.84 0.69 14.52
N ASN C 42 6.69 1.77 13.77
CA ASN C 42 5.85 2.89 14.15
C ASN C 42 5.11 3.36 12.91
N LEU C 43 3.85 3.77 13.10
CA LEU C 43 3.09 4.31 11.98
C LEU C 43 3.62 5.66 11.52
N MET C 44 4.36 6.37 12.36
CA MET C 44 4.88 7.67 11.98
C MET C 44 5.97 7.57 10.92
N GLU C 45 6.60 6.41 10.76
CA GLU C 45 7.58 6.24 9.69
C GLU C 45 6.91 6.25 8.31
N ILE C 46 5.65 5.86 8.23
CA ILE C 46 4.92 5.97 6.98
C ILE C 46 4.51 7.41 6.70
N ALA C 47 4.34 8.23 7.73
CA ALA C 47 3.93 9.61 7.53
C ALA C 47 5.09 10.54 7.23
N GLU C 48 6.33 10.19 7.59
CA GLU C 48 7.49 11.02 7.32
C GLU C 48 8.08 10.82 5.94
N VAL C 49 7.34 10.23 5.01
CA VAL C 49 7.76 10.18 3.63
C VAL C 49 6.95 11.21 2.86
N ASP C 50 7.54 11.74 1.80
CA ASP C 50 6.85 12.73 1.00
C ASP C 50 5.83 12.04 0.11
N SER C 51 4.69 12.68 -0.08
CA SER C 51 3.70 12.19 -1.02
C SER C 51 3.24 13.37 -1.86
N VAL C 52 2.88 13.10 -3.11
CA VAL C 52 2.55 14.17 -4.03
C VAL C 52 1.18 14.72 -3.66
N VAL C 53 1.09 16.03 -3.50
CA VAL C 53 -0.06 16.69 -2.91
C VAL C 53 -1.01 17.11 -4.02
N PRO C 54 -2.27 16.72 -3.97
CA PRO C 54 -3.21 17.16 -5.01
C PRO C 54 -3.69 18.58 -4.82
N VAL C 55 -2.90 19.55 -5.32
CA VAL C 55 -3.23 20.95 -5.09
C VAL C 55 -4.28 21.44 -6.09
N ASN C 56 -4.34 20.87 -7.29
CA ASN C 56 -5.18 21.36 -8.37
C ASN C 56 -6.55 20.68 -8.41
N ASN C 57 -7.10 20.31 -7.26
CA ASN C 57 -8.34 19.53 -7.19
C ASN C 57 -9.55 20.42 -7.51
N THR C 58 -9.78 20.65 -8.79
CA THR C 58 -10.81 21.59 -9.22
C THR C 58 -11.88 20.93 -10.06
N LYS C 59 -12.32 19.72 -9.66
CA LYS C 59 -13.57 19.07 -10.07
C LYS C 59 -13.54 18.56 -11.52
N GLU C 60 -12.56 18.96 -12.31
CA GLU C 60 -12.34 18.37 -13.62
C GLU C 60 -10.91 17.88 -13.74
N ASN C 61 -10.15 17.94 -12.66
CA ASN C 61 -8.80 17.39 -12.62
C ASN C 61 -8.69 16.19 -11.70
N ILE C 62 -9.64 16.00 -10.78
CA ILE C 62 -9.56 14.96 -9.75
C ILE C 62 -9.63 13.58 -10.36
N ASN C 63 -10.28 13.43 -11.51
CA ASN C 63 -10.32 12.18 -12.24
C ASN C 63 -9.26 12.14 -13.34
N SER C 64 -8.11 12.75 -13.10
CA SER C 64 -6.99 12.73 -14.05
C SER C 64 -5.71 13.01 -13.28
N MET C 65 -4.60 13.14 -14.00
CA MET C 65 -3.33 13.51 -13.41
C MET C 65 -3.14 15.02 -13.31
N GLU C 66 -4.09 15.79 -13.83
CA GLU C 66 -4.02 17.24 -13.79
C GLU C 66 -4.25 17.80 -12.40
N ALA C 67 -4.70 16.99 -11.45
CA ALA C 67 -4.82 17.37 -10.05
C ALA C 67 -3.56 17.06 -9.28
N TYR C 68 -2.41 17.10 -9.90
CA TYR C 68 -1.14 17.07 -9.22
C TYR C 68 -0.22 18.16 -9.72
N ARG C 69 -0.52 18.75 -10.86
CA ARG C 69 0.36 19.69 -11.54
C ARG C 69 -0.15 21.11 -11.32
N ILE C 70 0.67 21.94 -10.70
CA ILE C 70 0.34 23.35 -10.47
C ILE C 70 0.78 24.12 -11.71
N PRO C 71 -0.13 24.70 -12.48
CA PRO C 71 0.26 25.35 -13.74
C PRO C 71 0.88 26.71 -13.51
N VAL C 72 2.10 26.90 -14.04
CA VAL C 72 2.72 28.21 -14.07
C VAL C 72 2.83 28.69 -15.51
N THR C 73 1.84 29.45 -15.95
CA THR C 73 1.85 29.96 -17.31
C THR C 73 2.87 31.08 -17.46
N GLY C 74 3.33 31.25 -18.69
CA GLY C 74 4.39 32.19 -19.00
C GLY C 74 3.86 33.36 -19.83
N GLY C 75 4.25 34.56 -19.46
CA GLY C 75 3.77 35.73 -20.14
C GLY C 75 3.83 36.96 -19.26
N ASP C 76 2.72 37.69 -19.17
CA ASP C 76 2.65 38.97 -18.47
C ASP C 76 1.54 38.89 -17.43
N GLN C 77 1.88 38.37 -16.25
CA GLN C 77 0.98 38.47 -15.10
C GLN C 77 1.59 39.31 -13.98
N LEU C 78 2.70 38.86 -13.38
CA LEU C 78 3.59 39.61 -12.49
C LEU C 78 2.96 40.14 -11.20
N HIS C 79 1.66 39.93 -11.00
CA HIS C 79 1.01 40.37 -9.78
C HIS C 79 -0.06 39.40 -9.29
N THR C 80 -0.26 38.27 -9.97
CA THR C 80 -1.33 37.35 -9.61
C THR C 80 -0.77 36.20 -8.78
N GLN C 81 -1.65 35.27 -8.46
CA GLN C 81 -1.33 34.17 -7.56
C GLN C 81 -1.13 32.88 -8.34
N VAL C 82 -0.24 32.03 -7.81
CA VAL C 82 -0.04 30.71 -8.40
C VAL C 82 -1.01 29.73 -7.76
N PHE C 83 -0.96 29.59 -6.44
CA PHE C 83 -1.88 28.73 -5.72
C PHE C 83 -2.08 29.26 -4.31
N GLY C 84 -2.70 28.45 -3.46
CA GLY C 84 -2.89 28.78 -2.06
C GLY C 84 -3.86 27.82 -1.41
N PHE C 85 -3.58 27.41 -0.18
CA PHE C 85 -4.47 26.48 0.50
C PHE C 85 -4.42 26.74 2.00
N GLN C 86 -5.41 26.20 2.70
CA GLN C 86 -5.45 26.28 4.14
C GLN C 86 -4.63 25.14 4.73
N MET C 87 -3.69 25.47 5.60
CA MET C 87 -2.68 24.52 6.04
C MET C 87 -3.20 23.75 7.25
N GLN C 88 -3.99 22.71 6.97
CA GLN C 88 -4.45 21.78 7.98
C GLN C 88 -4.57 20.36 7.41
N PRO C 89 -3.66 19.46 7.75
CA PRO C 89 -3.73 18.12 7.18
C PRO C 89 -4.77 17.28 7.90
N GLY C 90 -5.47 16.45 7.13
CA GLY C 90 -6.48 15.58 7.71
C GLY C 90 -7.89 16.02 7.39
N LEU C 91 -8.14 17.32 7.39
CA LEU C 91 -9.45 17.84 7.08
C LEU C 91 -9.51 18.59 5.76
N ASN C 92 -8.42 19.22 5.34
CA ASN C 92 -8.39 19.89 4.06
C ASN C 92 -8.37 18.87 2.94
N SER C 93 -9.10 19.15 1.85
CA SER C 93 -9.14 18.27 0.70
C SER C 93 -7.80 18.17 -0.02
N VAL C 94 -6.94 19.18 0.15
CA VAL C 94 -5.62 19.16 -0.45
C VAL C 94 -4.74 18.12 0.23
N PHE C 95 -4.96 17.85 1.52
CA PHE C 95 -4.04 17.04 2.30
C PHE C 95 -4.62 15.75 2.86
N LYS C 96 -5.94 15.56 2.84
CA LYS C 96 -6.53 14.45 3.58
C LYS C 96 -6.38 13.11 2.89
N ARG C 97 -5.88 13.06 1.67
CA ARG C 97 -5.71 11.79 0.98
C ARG C 97 -4.25 11.43 0.75
N THR C 98 -3.31 12.27 1.15
CA THR C 98 -1.90 11.97 1.04
C THR C 98 -1.49 11.00 2.14
N LEU C 99 -0.23 10.59 2.20
CA LEU C 99 0.15 9.57 3.22
C LEU C 99 0.04 10.16 4.62
N LEU C 100 0.44 11.42 4.81
CA LEU C 100 0.38 12.09 6.13
C LEU C 100 -1.08 12.24 6.56
N GLY C 101 -1.97 12.59 5.65
CA GLY C 101 -3.36 12.87 6.00
C GLY C 101 -4.21 11.63 5.95
N GLU C 102 -3.64 10.48 5.65
CA GLU C 102 -4.43 9.24 5.72
C GLU C 102 -4.16 8.63 7.08
N ILE C 103 -2.96 8.87 7.61
CA ILE C 103 -2.63 8.39 8.96
C ILE C 103 -3.27 9.28 10.02
N LEU C 104 -3.37 10.58 9.75
CA LEU C 104 -4.00 11.50 10.69
C LEU C 104 -5.50 11.25 10.85
N ASN C 105 -6.14 10.68 9.83
CA ASN C 105 -7.56 10.38 9.94
C ASN C 105 -7.83 9.14 10.78
N TYR C 106 -6.82 8.34 11.07
CA TYR C 106 -6.94 7.22 12.00
C TYR C 106 -6.87 7.63 13.45
N TYR C 107 -6.55 8.89 13.73
CA TYR C 107 -6.38 9.37 15.09
C TYR C 107 -7.21 10.64 15.28
N ALA C 108 -7.52 10.94 16.54
CA ALA C 108 -8.32 12.11 16.85
C ALA C 108 -7.49 13.33 17.23
N HIS C 109 -6.28 13.13 17.72
CA HIS C 109 -5.38 14.23 18.06
C HIS C 109 -4.12 14.13 17.23
N TRP C 110 -3.50 15.28 16.99
CA TRP C 110 -2.26 15.32 16.24
C TRP C 110 -1.46 16.53 16.70
N SER C 111 -0.15 16.46 16.52
CA SER C 111 0.76 17.52 16.95
C SER C 111 2.06 17.38 16.20
N GLY C 112 2.54 18.46 15.60
CA GLY C 112 3.84 18.45 14.97
C GLY C 112 3.86 19.40 13.78
N SER C 113 4.98 19.37 13.08
CA SER C 113 5.24 20.24 11.94
C SER C 113 4.92 19.52 10.63
N VAL C 114 4.71 20.31 9.59
CA VAL C 114 4.49 19.82 8.24
C VAL C 114 5.60 20.39 7.36
N LYS C 115 6.21 19.55 6.55
CA LYS C 115 7.29 19.95 5.65
C LYS C 115 6.80 19.89 4.22
N LEU C 116 6.79 21.03 3.54
CA LEU C 116 6.38 21.11 2.15
C LEU C 116 7.63 21.27 1.27
N THR C 117 7.53 20.76 0.05
CA THR C 117 8.61 20.83 -0.92
C THR C 117 8.02 21.04 -2.29
N PHE C 118 8.45 22.10 -2.97
CA PHE C 118 7.91 22.48 -4.26
C PHE C 118 9.00 22.31 -5.30
N VAL C 119 8.75 21.46 -6.30
CA VAL C 119 9.74 21.11 -7.31
C VAL C 119 9.30 21.73 -8.63
N PHE C 120 10.17 22.55 -9.22
CA PHE C 120 9.86 23.22 -10.48
C PHE C 120 10.20 22.31 -11.63
N CYS C 121 9.19 21.79 -12.31
CA CYS C 121 9.38 20.82 -13.38
C CYS C 121 9.33 21.51 -14.73
N GLY C 122 10.28 22.41 -14.93
CA GLY C 122 10.40 23.13 -16.19
C GLY C 122 11.69 22.78 -16.89
N SER C 123 12.05 23.51 -17.94
CA SER C 123 13.31 23.23 -18.61
C SER C 123 14.44 23.98 -17.93
N ALA C 124 15.67 23.49 -18.13
CA ALA C 124 16.85 24.09 -17.51
C ALA C 124 17.17 25.47 -18.05
N MET C 125 16.58 25.86 -19.17
CA MET C 125 16.77 27.17 -19.75
C MET C 125 15.79 28.20 -19.22
N ALA C 126 14.84 27.81 -18.38
CA ALA C 126 13.83 28.72 -17.86
C ALA C 126 14.30 29.36 -16.57
N THR C 127 13.84 30.59 -16.34
CA THR C 127 14.26 31.40 -15.20
C THR C 127 13.07 32.22 -14.74
N GLY C 128 12.91 32.34 -13.43
CA GLY C 128 11.85 33.14 -12.86
C GLY C 128 12.03 33.23 -11.37
N LYS C 129 11.06 33.85 -10.72
CA LYS C 129 11.08 34.03 -9.27
C LYS C 129 9.66 33.93 -8.73
N PHE C 130 9.51 33.18 -7.65
CA PHE C 130 8.23 33.05 -6.97
C PHE C 130 8.39 33.49 -5.52
N LEU C 131 7.32 34.03 -4.96
CA LEU C 131 7.29 34.47 -3.57
C LEU C 131 6.41 33.48 -2.82
N LEU C 132 7.01 32.71 -1.93
CA LEU C 132 6.32 31.67 -1.19
C LEU C 132 6.02 32.18 0.21
N ALA C 133 4.79 32.64 0.42
CA ALA C 133 4.41 33.25 1.68
C ALA C 133 3.73 32.25 2.59
N TYR C 134 3.92 32.42 3.89
CA TYR C 134 3.22 31.65 4.90
C TYR C 134 2.57 32.60 5.88
N SER C 135 1.29 32.40 6.14
CA SER C 135 0.62 33.25 7.12
C SER C 135 0.37 32.48 8.41
N PRO C 136 0.41 33.14 9.57
CA PRO C 136 0.22 32.45 10.86
C PRO C 136 -1.22 32.01 11.04
N PRO C 137 -1.53 31.20 12.07
CA PRO C 137 -2.91 30.75 12.26
C PRO C 137 -3.94 31.84 12.50
N GLY C 138 -3.74 32.77 13.40
CA GLY C 138 -4.75 33.86 13.46
C GLY C 138 -4.42 35.02 12.55
N ALA C 139 -4.47 34.81 11.22
CA ALA C 139 -4.08 35.85 10.25
C ALA C 139 -4.82 35.64 8.94
N SER C 140 -5.08 36.71 8.17
CA SER C 140 -5.86 36.57 6.91
C SER C 140 -4.93 36.16 5.77
N PRO C 141 -5.43 35.49 4.71
CA PRO C 141 -4.59 35.16 3.57
C PRO C 141 -4.14 36.46 2.91
N PRO C 142 -2.89 36.59 2.39
CA PRO C 142 -2.47 37.78 1.67
C PRO C 142 -3.27 37.95 0.39
N GLN C 143 -3.60 39.19 0.00
CA GLN C 143 -4.47 39.43 -1.19
C GLN C 143 -3.65 39.83 -2.41
N ASN C 144 -2.52 40.49 -2.24
CA ASN C 144 -1.62 40.76 -3.35
C ASN C 144 -0.19 40.41 -2.94
N ARG C 145 0.75 40.64 -3.85
CA ARG C 145 2.14 40.28 -3.62
C ARG C 145 2.79 41.23 -2.61
N LYS C 146 2.29 42.46 -2.49
CA LYS C 146 2.86 43.39 -1.52
C LYS C 146 2.46 43.03 -0.10
N GLN C 147 1.25 42.53 0.11
CA GLN C 147 0.86 42.06 1.44
C GLN C 147 1.60 40.81 1.84
N ALA C 148 1.84 39.91 0.88
CA ALA C 148 2.57 38.69 1.16
C ALA C 148 4.05 38.93 1.40
N MET C 149 4.60 40.02 0.88
CA MET C 149 6.01 40.31 1.10
C MET C 149 6.28 40.72 2.54
N LEU C 150 5.36 41.45 3.15
CA LEU C 150 5.59 41.92 4.52
C LEU C 150 5.33 40.84 5.56
N GLY C 151 4.75 39.71 5.17
CA GLY C 151 4.59 38.58 6.06
C GLY C 151 5.84 37.72 6.12
N THR C 152 5.67 36.41 6.20
CA THR C 152 6.79 35.47 6.24
C THR C 152 6.90 34.83 4.87
N HIS C 153 7.99 35.12 4.16
CA HIS C 153 8.14 34.69 2.79
C HIS C 153 9.56 34.21 2.55
N VAL C 154 9.71 33.36 1.54
CA VAL C 154 10.99 33.09 0.93
C VAL C 154 10.86 33.46 -0.55
N ILE C 155 12.00 33.76 -1.16
CA ILE C 155 12.06 34.05 -2.58
C ILE C 155 12.71 32.84 -3.23
N TRP C 156 11.95 32.13 -4.05
CA TRP C 156 12.42 30.91 -4.72
C TRP C 156 12.78 31.29 -6.14
N ASP C 157 14.08 31.39 -6.40
CA ASP C 157 14.61 31.70 -7.73
C ASP C 157 14.87 30.37 -8.42
N VAL C 158 14.01 30.04 -9.39
CA VAL C 158 14.05 28.70 -9.98
C VAL C 158 15.20 28.50 -10.94
N GLY C 159 15.91 29.56 -11.31
CA GLY C 159 17.14 29.38 -12.06
C GLY C 159 18.28 28.85 -11.24
N LEU C 160 18.27 29.11 -9.93
CA LEU C 160 19.33 28.66 -9.04
C LEU C 160 19.02 27.33 -8.36
N GLN C 161 17.80 27.15 -7.85
CA GLN C 161 17.40 25.93 -7.19
C GLN C 161 16.19 25.35 -7.90
N SER C 162 16.06 24.03 -7.86
CA SER C 162 14.89 23.37 -8.42
C SER C 162 13.85 23.01 -7.39
N SER C 163 14.23 22.89 -6.12
CA SER C 163 13.31 22.57 -5.04
C SER C 163 13.39 23.65 -3.97
N CYS C 164 12.24 23.95 -3.36
CA CYS C 164 12.17 24.92 -2.26
C CYS C 164 11.51 24.24 -1.07
N VAL C 165 12.32 23.80 -0.11
CA VAL C 165 11.82 23.13 1.08
C VAL C 165 11.26 24.18 2.03
N LEU C 166 10.01 24.03 2.44
CA LEU C 166 9.31 25.00 3.27
C LEU C 166 8.71 24.27 4.46
N CYS C 167 9.35 24.36 5.61
CA CYS C 167 8.86 23.73 6.82
C CYS C 167 7.98 24.70 7.59
N ILE C 168 6.90 24.18 8.17
CA ILE C 168 5.82 25.00 8.73
C ILE C 168 5.80 24.77 10.24
N PRO C 169 5.81 25.82 11.07
CA PRO C 169 5.90 25.64 12.51
C PRO C 169 4.59 25.20 13.13
N TRP C 170 4.70 24.64 14.33
CA TRP C 170 3.57 24.14 15.08
C TRP C 170 3.18 25.17 16.12
N ILE C 171 2.05 25.85 15.89
CA ILE C 171 1.57 26.90 16.77
C ILE C 171 0.16 26.56 17.20
N SER C 172 -0.05 26.38 18.50
CA SER C 172 -1.36 26.12 19.06
C SER C 172 -1.36 26.53 20.52
N GLN C 173 -2.56 26.79 21.05
CA GLN C 173 -2.65 27.12 22.46
C GLN C 173 -2.48 25.90 23.34
N THR C 174 -2.99 24.77 22.91
CA THR C 174 -2.97 23.53 23.67
C THR C 174 -1.94 22.56 23.10
N HIS C 175 -1.85 21.39 23.73
CA HIS C 175 -0.75 20.46 23.50
C HIS C 175 -0.93 19.71 22.19
N TYR C 176 -2.08 19.08 21.99
CA TYR C 176 -2.45 18.38 20.78
C TYR C 176 -3.50 19.20 20.06
N ARG C 177 -4.02 18.67 18.97
CA ARG C 177 -5.05 19.39 18.22
C ARG C 177 -5.97 18.38 17.57
N LEU C 178 -7.26 18.67 17.62
CA LEU C 178 -8.27 17.78 17.06
C LEU C 178 -8.15 17.76 15.53
N VAL C 179 -8.31 16.58 14.94
CA VAL C 179 -8.15 16.44 13.50
C VAL C 179 -9.45 16.73 12.76
N GLN C 180 -10.57 16.21 13.24
CA GLN C 180 -11.81 16.26 12.48
C GLN C 180 -12.59 17.56 12.65
N GLN C 181 -12.09 18.52 13.42
CA GLN C 181 -12.80 19.77 13.60
C GLN C 181 -12.22 20.84 12.69
N ASP C 182 -13.07 21.83 12.37
CA ASP C 182 -12.71 22.91 11.46
C ASP C 182 -12.72 24.23 12.24
N GLU C 183 -11.59 24.55 12.85
CA GLU C 183 -11.37 25.91 13.36
C GLU C 183 -10.96 26.76 12.17
N TYR C 184 -11.91 27.51 11.61
CA TYR C 184 -11.57 28.42 10.49
C TYR C 184 -10.67 29.54 11.01
N THR C 185 -9.76 30.05 10.17
CA THR C 185 -8.81 31.15 10.57
C THR C 185 -8.05 30.76 11.84
N SER C 186 -7.65 29.49 11.95
CA SER C 186 -6.86 29.02 13.12
C SER C 186 -5.87 27.95 12.65
N ALA C 187 -5.56 27.93 11.35
CA ALA C 187 -4.66 26.90 10.80
C ALA C 187 -3.45 27.50 10.07
N GLY C 188 -3.63 28.61 9.34
CA GLY C 188 -2.50 29.12 8.54
C GLY C 188 -2.75 28.91 7.06
N TYR C 189 -2.19 29.77 6.21
CA TYR C 189 -2.34 29.63 4.75
C TYR C 189 -0.96 29.63 4.09
N VAL C 190 -0.74 28.81 3.07
CA VAL C 190 0.53 28.85 2.30
C VAL C 190 0.18 29.24 0.88
N THR C 191 0.45 30.50 0.50
CA THR C 191 0.15 30.97 -0.84
C THR C 191 1.45 31.20 -1.60
N CYS C 192 1.32 31.40 -2.91
CA CYS C 192 2.49 31.64 -3.77
C CYS C 192 2.14 32.66 -4.82
N TRP C 193 3.04 33.61 -5.04
CA TRP C 193 2.80 34.75 -5.90
C TRP C 193 3.90 34.85 -6.94
N TYR C 194 3.51 35.30 -8.14
CA TYR C 194 4.49 35.65 -9.16
C TYR C 194 5.28 36.86 -8.72
N GLN C 195 6.59 36.79 -8.88
CA GLN C 195 7.48 37.92 -8.61
C GLN C 195 8.00 38.55 -9.89
N THR C 196 8.50 37.75 -10.83
CA THR C 196 9.03 38.23 -12.09
C THR C 196 8.29 37.70 -13.31
N GLY C 197 7.91 36.43 -13.30
CA GLY C 197 7.32 35.84 -14.48
C GLY C 197 7.99 34.53 -14.79
N LEU C 198 8.19 34.23 -16.07
CA LEU C 198 8.96 33.04 -16.45
C LEU C 198 9.63 33.33 -17.78
N ILE C 199 10.95 33.53 -17.75
CA ILE C 199 11.71 33.99 -18.90
C ILE C 199 12.35 32.79 -19.57
N VAL C 200 12.06 32.61 -20.86
CA VAL C 200 12.55 31.45 -21.61
C VAL C 200 13.25 31.91 -22.88
N PRO C 201 14.27 31.20 -23.34
CA PRO C 201 14.92 31.55 -24.61
C PRO C 201 14.10 31.04 -25.78
N PRO C 202 14.44 31.41 -27.02
CA PRO C 202 13.72 30.84 -28.17
C PRO C 202 14.04 29.37 -28.35
N GLY C 203 13.03 28.53 -28.18
CA GLY C 203 13.18 27.09 -28.23
C GLY C 203 12.68 26.37 -26.99
N ALA C 204 12.55 27.07 -25.88
CA ALA C 204 12.05 26.50 -24.64
C ALA C 204 10.54 26.70 -24.53
N PRO C 205 9.82 25.75 -23.95
CA PRO C 205 8.37 25.93 -23.79
C PRO C 205 8.05 26.97 -22.74
N PRO C 206 7.07 27.84 -22.99
CA PRO C 206 6.81 28.96 -22.08
C PRO C 206 6.10 28.58 -20.78
N SER C 207 5.20 27.61 -20.81
CA SER C 207 4.47 27.19 -19.62
C SER C 207 5.15 25.98 -18.98
N CYS C 208 4.93 25.81 -17.68
CA CYS C 208 5.70 24.85 -16.89
C CYS C 208 4.78 24.22 -15.86
N THR C 209 5.38 23.58 -14.85
CA THR C 209 4.65 22.76 -13.89
C THR C 209 5.41 22.70 -12.57
N ILE C 210 4.68 22.85 -11.45
CA ILE C 210 5.22 22.65 -10.11
C ILE C 210 4.53 21.44 -9.50
N LEU C 211 5.28 20.66 -8.72
CA LEU C 211 4.72 19.57 -7.91
C LEU C 211 5.05 19.80 -6.43
N CYS C 212 4.10 19.50 -5.56
CA CYS C 212 4.26 19.69 -4.13
C CYS C 212 4.32 18.35 -3.40
N PHE C 213 5.16 18.28 -2.36
CA PHE C 213 5.38 17.06 -1.60
C PHE C 213 5.29 17.37 -0.11
N ALA C 214 4.35 16.74 0.59
CA ALA C 214 4.14 17.00 2.01
C ALA C 214 4.49 15.77 2.84
N SER C 215 5.04 16.01 4.03
CA SER C 215 5.36 14.94 4.95
C SER C 215 5.25 15.49 6.37
N ALA C 216 5.70 14.69 7.32
CA ALA C 216 5.74 15.09 8.71
C ALA C 216 7.17 15.49 9.07
N CYS C 217 7.40 15.75 10.34
CA CYS C 217 8.76 16.02 10.82
C CYS C 217 9.08 15.10 11.98
N ASN C 218 10.19 15.34 12.66
CA ASN C 218 10.60 14.46 13.74
C ASN C 218 9.80 14.66 15.02
N ASP C 219 9.18 15.84 15.19
CA ASP C 219 8.43 16.15 16.40
C ASP C 219 6.97 15.75 16.31
N PHE C 220 6.61 14.89 15.36
CA PHE C 220 5.24 14.58 15.07
C PHE C 220 4.71 13.50 16.01
N SER C 221 3.45 13.61 16.40
CA SER C 221 2.82 12.63 17.29
C SER C 221 1.32 12.63 17.06
N VAL C 222 0.68 11.50 17.37
CA VAL C 222 -0.77 11.34 17.30
C VAL C 222 -1.26 10.68 18.58
N ARG C 223 -2.58 10.68 18.75
CA ARG C 223 -3.23 10.18 19.95
C ARG C 223 -4.69 9.88 19.64
N ASN C 224 -5.29 9.05 20.48
CA ASN C 224 -6.74 8.74 20.48
C ASN C 224 -7.18 8.14 19.14
N LEU C 225 -6.71 6.93 18.89
CA LEU C 225 -7.05 6.16 17.70
C LEU C 225 -8.56 5.94 17.59
N ARG C 226 -9.04 5.90 16.35
CA ARG C 226 -10.45 5.73 16.07
C ARG C 226 -10.60 5.14 14.67
N ASP C 227 -11.77 5.24 14.07
CA ASP C 227 -11.98 4.69 12.71
C ASP C 227 -11.83 5.79 11.65
N THR C 228 -11.30 5.46 10.48
CA THR C 228 -11.08 6.46 9.40
C THR C 228 -12.42 6.93 8.88
N PRO C 229 -12.59 8.24 8.57
CA PRO C 229 -13.84 8.71 7.98
C PRO C 229 -14.04 8.22 6.54
N PHE C 230 -12.96 7.88 5.84
CA PHE C 230 -13.03 7.49 4.41
C PHE C 230 -13.83 6.20 4.16
N ILE C 231 -13.66 5.16 4.97
CA ILE C 231 -14.38 3.89 4.66
C ILE C 231 -15.83 3.99 5.17
N GLU C 232 -16.81 4.01 4.26
CA GLU C 232 -18.23 4.06 4.69
C GLU C 232 -18.87 2.66 4.69
N GLN C 233 -18.30 1.67 4.00
CA GLN C 233 -18.96 0.35 3.92
C GLN C 233 -19.09 -0.21 5.34
N THR C 234 -20.18 -0.89 5.65
CA THR C 234 -20.39 -1.35 7.05
C THR C 234 -20.63 -2.86 7.07
N GLN C 235 -21.57 -3.36 6.28
CA GLN C 235 -21.87 -4.82 6.21
C GLN C 235 -20.64 -5.58 5.69
N LEU C 236 -20.49 -6.85 6.07
CA LEU C 236 -19.37 -7.64 5.59
C LEU C 236 -19.45 -7.84 4.09
N LEU C 237 -18.28 -8.09 3.49
CA LEU C 237 -18.20 -8.38 2.06
C LEU C 237 -18.74 -9.77 1.80
N GLN C 238 -19.85 -9.84 1.04
CA GLN C 238 -20.59 -11.07 0.72
C GLN C 238 -21.01 -11.86 1.96
#